data_4FA6
#
_entry.id   4FA6
#
_cell.length_a   143.437
_cell.length_b   68.243
_cell.length_c   106.171
_cell.angle_alpha   90.00
_cell.angle_beta   94.82
_cell.angle_gamma   90.00
#
_symmetry.space_group_name_H-M   'C 1 2 1'
#
loop_
_entity.id
_entity.type
_entity.pdbx_description
1 polymer 'Phosphatidylinositol 4,5-bisphosphate 3-kinase catalytic subunit gamma isoform'
2 non-polymer 2-amino-8-cyclopentyl-4-methyl-6-(1H-pyrazol-4-yl)pyrido[2,3-d]pyrimidin-7(8H)-one
3 water water
#
_entity_poly.entity_id   1
_entity_poly.type   'polypeptide(L)'
_entity_poly.pdbx_seq_one_letter_code
;MSEESQAFQRQLTALIGYDVTDVSNVHDDELEFTRRGLVTPRMAEVASRDPKLYAMHPWVTSKPLPEYLWKKIANNCIFI
VIHRSTTSQTIKVSPDDTPGAILQSFFTKMAKKKSLMDIPESQSEQDFVLRVCGRDEYLVGETPIKNFQWVRHCLKNGEE
IHVVLDTPPDPALDEVRKEEWPLVDDCTGVTGYHEQLTIHGKDHESVFTVSLWDCDRKFRVKIRGIDIPVLPRNTDLTVF
VEANIQHGQQVLCQRRTSPKPFTEEVLWNVWLEFSIKIKDLPKGALLNLQIYCGKAPALSSKASAESPSSESKGKVQLLY
YVNLLLIDHRFLLRRGEYVLHMWQISGKGEDQGSFNADKLTSATNPDKENSMSISILLDNYCHPIALPKHQPTPDPEGDR
VRAEMPNQLRKQLEAIIATDPLNPLTAEDKELLWHFRYESLKHPKAYPKLFSSVKWGQQEIVAKTYQLLARREVWDQSAL
DVGLTMQLLDCNFSDENVRAIAVQKLESLEDDDVLHYLLQLVQAVKFEPYHDSALARFLLKRGLRNKRIGHFLFWFLRSE
IAQSRHYQQRFAVILEAYLRGCGTAMLHDFTQQVQVIEMLQKVTLDIKSLSAEKYDVSSQVISQLKQKLENLQNSQLPES
FRVPYDPGLKAGALAIEKCKVMASKKKPLWLEFKCADPTALSNETIGIIFKHGDDLRQDMLILQILRIMESIWETESLDL
CLLPYGCISTGDKIGMIEIVKDATTIAKIQQSTVGNTGAFKDEVLNHWLKEKSPTEEKFQAAVERFVYSCAGYCVATFVL
GIGDRHNDNIMITETGNLFHIDFGHILGNYKSFLGINKERVPFVLTPDFLFVMGTSGKKTSPHFQKFQDICVKAYLALRH
HTNLLIILFSMMLMTGMPQLTSKEDIEYIRDALTVGKNEEDAKKYFLDQIEVCRDKGWTVQFNWFLHLVLGIKQGEKHSA
HHHHHH
;
_entity_poly.pdbx_strand_id   A
#
loop_
_chem_comp.id
_chem_comp.type
_chem_comp.name
_chem_comp.formula
0TA non-polymer 2-amino-8-cyclopentyl-4-methyl-6-(1H-pyrazol-4-yl)pyrido[2,3-d]pyrimidin-7(8H)-one 'C16 H18 N6 O'
#
# COMPACT_ATOMS: atom_id res chain seq x y z
N SER A 2 34.96 13.83 9.39
CA SER A 2 35.49 12.58 8.84
C SER A 2 35.24 12.46 7.34
N GLU A 3 36.10 11.70 6.63
CA GLU A 3 35.97 11.46 5.19
C GLU A 3 35.24 10.15 4.89
N GLU A 4 35.26 9.19 5.82
CA GLU A 4 34.51 7.95 5.62
C GLU A 4 33.05 8.10 6.04
N SER A 5 32.72 9.18 6.79
CA SER A 5 31.36 9.54 7.20
C SER A 5 30.70 10.25 6.02
N GLN A 6 31.52 10.94 5.21
CA GLN A 6 31.11 11.70 4.04
C GLN A 6 30.88 10.77 2.84
N ALA A 7 31.77 9.77 2.61
CA ALA A 7 31.68 8.81 1.49
C ALA A 7 30.46 7.89 1.62
N PHE A 8 30.08 7.59 2.87
CA PHE A 8 28.93 6.77 3.26
C PHE A 8 27.63 7.56 3.09
N GLN A 9 27.67 8.89 3.32
CA GLN A 9 26.53 9.79 3.18
C GLN A 9 26.17 9.94 1.70
N ARG A 10 27.17 9.81 0.80
CA ARG A 10 26.96 9.88 -0.64
C ARG A 10 26.31 8.58 -1.12
N GLN A 11 26.59 7.46 -0.41
CA GLN A 11 26.03 6.13 -0.67
C GLN A 11 24.55 6.12 -0.27
N LEU A 12 24.22 6.76 0.89
CA LEU A 12 22.86 6.89 1.40
C LEU A 12 22.01 7.72 0.42
N THR A 13 22.59 8.81 -0.13
CA THR A 13 21.91 9.70 -1.07
C THR A 13 21.55 8.98 -2.37
N ALA A 14 22.45 8.06 -2.83
CA ALA A 14 22.23 7.28 -4.06
C ALA A 14 21.13 6.23 -3.84
N LEU A 15 21.05 5.73 -2.62
CA LEU A 15 20.05 4.76 -2.22
C LEU A 15 18.68 5.43 -2.04
N ILE A 16 18.63 6.61 -1.37
CA ILE A 16 17.38 7.36 -1.12
C ILE A 16 16.72 7.91 -2.40
N GLY A 17 17.53 8.55 -3.24
CA GLY A 17 17.08 9.21 -4.46
C GLY A 17 16.80 10.67 -4.14
N TYR A 18 17.33 11.12 -2.97
CA TYR A 18 17.19 12.45 -2.42
C TYR A 18 18.32 12.76 -1.41
N ASP A 19 18.75 14.02 -1.37
CA ASP A 19 19.78 14.47 -0.44
C ASP A 19 19.14 15.11 0.81
N VAL A 20 19.20 14.37 1.93
CA VAL A 20 18.70 14.77 3.25
C VAL A 20 19.48 15.95 3.85
N THR A 21 20.73 16.15 3.41
CA THR A 21 21.60 17.21 3.91
C THR A 21 21.28 18.58 3.28
N ASP A 22 20.48 18.58 2.19
CA ASP A 22 20.05 19.77 1.47
C ASP A 22 19.09 20.63 2.31
N VAL A 23 19.42 21.93 2.45
CA VAL A 23 18.69 22.91 3.27
C VAL A 23 18.15 24.06 2.37
N SER A 24 17.94 23.80 1.06
CA SER A 24 17.45 24.82 0.16
C SER A 24 15.91 24.98 0.11
N ASN A 25 15.14 23.92 0.46
CA ASN A 25 13.66 24.00 0.46
C ASN A 25 13.10 23.80 1.86
N VAL A 26 13.64 24.58 2.81
CA VAL A 26 13.32 24.51 4.23
C VAL A 26 13.28 25.92 4.83
N HIS A 27 12.45 26.12 5.87
CA HIS A 27 12.33 27.38 6.61
C HIS A 27 12.47 27.15 8.11
N ASP A 28 13.03 25.98 8.50
CA ASP A 28 13.25 25.53 9.89
C ASP A 28 14.05 24.24 9.89
N ASP A 29 14.63 23.87 11.03
CA ASP A 29 15.39 22.65 11.17
C ASP A 29 14.58 21.38 11.54
N GLU A 30 13.26 21.30 11.20
CA GLU A 30 12.48 20.09 11.57
C GLU A 30 13.01 18.79 10.96
N LEU A 31 13.45 18.85 9.68
CA LEU A 31 14.03 17.70 8.98
C LEU A 31 15.36 17.29 9.61
N GLU A 32 16.17 18.28 10.03
CA GLU A 32 17.44 18.03 10.72
C GLU A 32 17.22 17.49 12.13
N PHE A 33 16.31 18.15 12.86
CA PHE A 33 15.91 17.82 14.21
C PHE A 33 15.33 16.39 14.24
N THR A 34 14.65 15.95 13.14
CA THR A 34 14.11 14.58 13.01
C THR A 34 15.27 13.60 12.77
N ARG A 35 16.26 13.98 11.91
CA ARG A 35 17.46 13.16 11.66
C ARG A 35 18.15 12.78 13.01
N ARG A 36 18.38 13.78 13.90
CA ARG A 36 18.94 13.61 15.24
C ARG A 36 17.98 12.81 16.14
N GLY A 37 16.69 13.17 16.09
CA GLY A 37 15.63 12.51 16.85
C GLY A 37 15.52 11.02 16.60
N LEU A 38 15.60 10.62 15.32
CA LEU A 38 15.53 9.23 14.90
C LEU A 38 16.72 8.31 15.29
N VAL A 39 17.87 8.89 15.75
CA VAL A 39 19.10 8.17 16.15
C VAL A 39 18.79 7.24 17.31
N THR A 40 18.12 7.76 18.35
CA THR A 40 17.77 7.04 19.57
C THR A 40 16.92 5.81 19.29
N PRO A 41 15.75 5.92 18.59
CA PRO A 41 14.94 4.71 18.31
C PRO A 41 15.68 3.70 17.42
N ARG A 42 16.53 4.21 16.50
CA ARG A 42 17.33 3.37 15.62
C ARG A 42 18.29 2.50 16.43
N MET A 43 19.21 3.15 17.17
CA MET A 43 20.22 2.49 17.98
C MET A 43 19.64 1.53 18.97
N ALA A 44 18.52 1.91 19.64
CA ALA A 44 17.78 1.06 20.59
C ALA A 44 17.36 -0.27 19.94
N GLU A 45 16.75 -0.21 18.75
CA GLU A 45 16.33 -1.38 17.99
C GLU A 45 17.55 -2.16 17.48
N VAL A 46 18.56 -1.45 16.91
CA VAL A 46 19.80 -2.06 16.44
C VAL A 46 20.49 -2.80 17.61
N ALA A 47 20.55 -2.17 18.78
CA ALA A 47 21.13 -2.73 20.01
C ALA A 47 20.31 -3.89 20.58
N SER A 48 18.99 -3.90 20.32
CA SER A 48 18.10 -4.95 20.81
C SER A 48 17.99 -6.21 19.92
N ARG A 49 18.46 -6.15 18.67
CA ARG A 49 18.26 -7.28 17.76
C ARG A 49 19.09 -8.54 17.93
N ASP A 50 18.43 -9.70 17.71
CA ASP A 50 19.06 -11.03 17.79
C ASP A 50 19.83 -11.25 16.48
N PRO A 51 21.17 -11.22 16.50
CA PRO A 51 21.94 -11.31 15.24
C PRO A 51 21.73 -12.57 14.40
N LYS A 52 21.45 -13.73 15.05
CA LYS A 52 21.19 -15.01 14.37
C LYS A 52 19.87 -14.94 13.61
N LEU A 53 18.76 -14.61 14.31
CA LEU A 53 17.42 -14.50 13.76
C LEU A 53 17.26 -13.39 12.73
N TYR A 54 17.92 -12.26 12.96
CA TYR A 54 17.86 -11.12 12.03
C TYR A 54 18.48 -11.48 10.67
N ALA A 55 19.64 -12.16 10.70
CA ALA A 55 20.37 -12.59 9.50
C ALA A 55 19.60 -13.60 8.68
N MET A 56 18.82 -14.45 9.35
CA MET A 56 18.03 -15.54 8.75
C MET A 56 16.55 -15.23 8.49
N HIS A 57 16.03 -14.14 9.09
CA HIS A 57 14.67 -13.64 8.94
C HIS A 57 13.51 -14.65 8.78
N PRO A 58 13.35 -15.71 9.62
CA PRO A 58 12.20 -16.61 9.43
C PRO A 58 10.85 -15.91 9.29
N TRP A 59 10.11 -16.27 8.24
CA TRP A 59 8.81 -15.74 7.91
C TRP A 59 7.85 -16.76 8.41
N VAL A 60 7.29 -16.43 9.53
CA VAL A 60 6.47 -17.25 10.35
C VAL A 60 5.14 -16.54 10.65
N THR A 61 4.20 -17.24 11.29
CA THR A 61 2.86 -16.77 11.67
C THR A 61 2.43 -17.48 12.95
N SER A 62 1.40 -16.96 13.61
CA SER A 62 0.83 -17.53 14.82
C SER A 62 -0.64 -17.78 14.55
N LYS A 63 -1.06 -17.45 13.33
CA LYS A 63 -2.42 -17.70 12.86
C LYS A 63 -2.57 -19.20 12.83
N PRO A 64 -3.78 -19.76 13.11
CA PRO A 64 -3.96 -21.22 13.13
C PRO A 64 -3.41 -21.85 11.87
N LEU A 65 -4.22 -22.57 11.15
CA LEU A 65 -3.84 -23.18 9.88
C LEU A 65 -5.18 -23.55 9.33
N PRO A 66 -5.66 -22.79 8.32
CA PRO A 66 -6.98 -23.04 7.71
C PRO A 66 -7.38 -24.52 7.54
N GLU A 67 -8.67 -24.78 7.80
CA GLU A 67 -9.27 -26.10 7.69
C GLU A 67 -8.87 -26.66 6.35
N TYR A 68 -9.10 -25.82 5.28
CA TYR A 68 -8.76 -26.00 3.87
C TYR A 68 -7.29 -26.29 3.64
N LEU A 69 -6.47 -26.34 4.68
CA LEU A 69 -5.06 -26.65 4.55
C LEU A 69 -4.62 -27.85 5.37
N TRP A 70 -5.49 -28.30 6.29
CA TRP A 70 -5.28 -29.53 7.05
C TRP A 70 -5.65 -30.68 6.15
N LYS A 71 -6.77 -30.54 5.38
CA LYS A 71 -7.28 -31.50 4.38
C LYS A 71 -6.17 -31.97 3.39
N LYS A 72 -4.96 -31.42 3.57
CA LYS A 72 -3.79 -31.73 2.77
C LYS A 72 -2.88 -32.64 3.55
N ILE A 73 -3.43 -33.17 4.67
CA ILE A 73 -2.77 -34.02 5.66
C ILE A 73 -3.84 -34.75 6.59
N ALA A 74 -4.32 -35.96 6.20
CA ALA A 74 -5.21 -36.80 7.06
C ALA A 74 -4.28 -37.82 7.75
N ASN A 75 -2.97 -37.73 7.41
CA ASN A 75 -1.80 -38.53 7.82
C ASN A 75 -0.98 -37.96 9.00
N ASN A 76 -1.12 -36.64 9.32
CA ASN A 76 -0.34 -35.94 10.36
C ASN A 76 1.18 -35.96 9.98
N CYS A 77 1.42 -36.11 8.67
CA CYS A 77 2.76 -36.17 8.12
C CYS A 77 2.98 -35.19 6.98
N ILE A 78 4.02 -34.38 7.13
CA ILE A 78 4.46 -33.38 6.17
C ILE A 78 5.83 -33.86 5.69
N PHE A 79 6.02 -33.91 4.37
CA PHE A 79 7.29 -34.37 3.81
C PHE A 79 8.21 -33.22 3.42
N ILE A 80 9.45 -33.27 3.95
CA ILE A 80 10.53 -32.31 3.66
C ILE A 80 11.70 -33.09 3.07
N VAL A 81 12.23 -32.63 1.94
CA VAL A 81 13.34 -33.26 1.25
C VAL A 81 14.62 -32.46 1.49
N ILE A 82 15.52 -32.99 2.33
CA ILE A 82 16.80 -32.34 2.67
C ILE A 82 17.91 -32.63 1.63
N HIS A 83 18.60 -31.57 1.14
CA HIS A 83 19.64 -31.65 0.12
C HIS A 83 21.03 -31.25 0.62
N ARG A 84 22.08 -31.88 0.06
CA ARG A 84 23.47 -31.54 0.37
C ARG A 84 24.25 -31.05 -0.86
N SER A 85 24.74 -31.97 -1.73
CA SER A 85 25.45 -31.58 -2.95
C SER A 85 24.69 -32.10 -4.19
N THR A 86 24.50 -33.44 -4.24
CA THR A 86 23.76 -34.17 -5.28
C THR A 86 22.75 -35.10 -4.58
N THR A 87 23.01 -35.39 -3.28
CA THR A 87 22.21 -36.23 -2.39
C THR A 87 20.93 -35.50 -1.95
N SER A 88 19.82 -36.25 -1.87
CA SER A 88 18.49 -35.77 -1.47
C SER A 88 17.73 -36.90 -0.79
N GLN A 89 17.21 -36.65 0.43
CA GLN A 89 16.48 -37.65 1.21
C GLN A 89 15.27 -37.05 1.93
N THR A 90 14.10 -37.67 1.74
CA THR A 90 12.83 -37.25 2.34
C THR A 90 12.73 -37.68 3.83
N ILE A 91 12.05 -36.87 4.67
CA ILE A 91 11.85 -37.10 6.12
C ILE A 91 10.38 -36.93 6.51
N LYS A 92 9.84 -37.88 7.28
CA LYS A 92 8.46 -37.85 7.77
C LYS A 92 8.41 -36.92 8.99
N VAL A 93 7.70 -35.80 8.84
CA VAL A 93 7.61 -34.73 9.84
C VAL A 93 6.17 -34.54 10.33
N SER A 94 5.98 -34.21 11.60
CA SER A 94 4.66 -33.91 12.17
C SER A 94 4.40 -32.38 11.99
N PRO A 95 3.13 -31.91 11.83
CA PRO A 95 2.92 -30.45 11.65
C PRO A 95 3.46 -29.57 12.77
N ASP A 96 3.48 -30.07 14.02
CA ASP A 96 3.97 -29.35 15.20
C ASP A 96 5.46 -29.50 15.42
N ASP A 97 6.16 -30.26 14.56
CA ASP A 97 7.60 -30.46 14.69
C ASP A 97 8.39 -29.19 14.41
N THR A 98 9.11 -28.69 15.44
CA THR A 98 9.96 -27.50 15.35
C THR A 98 11.14 -27.81 14.40
N PRO A 99 11.73 -26.84 13.65
CA PRO A 99 12.89 -27.19 12.78
C PRO A 99 14.09 -27.80 13.54
N GLY A 100 14.21 -27.49 14.84
CA GLY A 100 15.26 -28.02 15.71
C GLY A 100 15.19 -29.53 15.87
N ALA A 101 13.95 -30.02 16.11
CA ALA A 101 13.60 -31.44 16.25
C ALA A 101 13.81 -32.20 14.93
N ILE A 102 13.57 -31.52 13.80
CA ILE A 102 13.71 -32.03 12.43
C ILE A 102 15.18 -32.28 12.10
N LEU A 103 16.09 -31.42 12.56
CA LEU A 103 17.53 -31.59 12.35
C LEU A 103 18.08 -32.80 13.15
N GLN A 104 17.49 -33.07 14.34
CA GLN A 104 17.85 -34.22 15.16
C GLN A 104 16.78 -35.32 15.05
N SER A 105 16.47 -35.66 13.78
CA SER A 105 15.55 -36.66 13.28
C SER A 105 16.13 -37.09 11.93
N PHE A 106 16.95 -36.19 11.33
CA PHE A 106 17.69 -36.39 10.08
C PHE A 106 19.04 -36.98 10.45
N PHE A 107 19.76 -36.33 11.40
CA PHE A 107 21.07 -36.74 11.91
C PHE A 107 20.96 -38.08 12.66
N THR A 108 19.77 -38.37 13.22
CA THR A 108 19.46 -39.61 13.94
C THR A 108 19.31 -40.74 12.91
N LYS A 109 18.38 -40.59 11.92
CA LYS A 109 18.10 -41.56 10.84
C LYS A 109 19.38 -41.98 10.11
N MET A 110 20.22 -40.99 9.71
CA MET A 110 21.51 -41.26 9.07
C MET A 110 22.69 -40.80 9.94
N ALA A 111 23.15 -41.71 10.82
CA ALA A 111 24.25 -41.49 11.76
C ALA A 111 25.55 -42.21 11.33
N LYS A 112 25.42 -43.29 10.52
CA LYS A 112 26.54 -44.10 10.00
C LYS A 112 26.31 -44.53 8.55
N ASP A 127 24.54 -25.44 14.81
CA ASP A 127 25.65 -25.86 13.96
C ASP A 127 25.33 -25.69 12.45
N PHE A 128 24.24 -26.35 11.99
CA PHE A 128 23.75 -26.29 10.60
C PHE A 128 22.33 -25.72 10.56
N VAL A 129 21.92 -25.18 9.40
CA VAL A 129 20.62 -24.56 9.21
C VAL A 129 19.90 -24.99 7.93
N LEU A 130 18.56 -25.07 8.00
CA LEU A 130 17.72 -25.47 6.88
C LEU A 130 17.23 -24.29 5.99
N ARG A 131 17.91 -24.06 4.85
CA ARG A 131 17.57 -23.02 3.86
C ARG A 131 16.74 -23.60 2.69
N VAL A 132 15.66 -22.91 2.26
CA VAL A 132 14.84 -23.34 1.10
C VAL A 132 15.65 -23.33 -0.22
N CYS A 133 15.40 -24.34 -1.08
CA CYS A 133 16.07 -24.50 -2.37
C CYS A 133 15.60 -23.41 -3.33
N GLY A 134 16.57 -22.67 -3.86
CA GLY A 134 16.34 -21.60 -4.83
C GLY A 134 16.10 -20.22 -4.25
N ARG A 135 15.69 -20.19 -2.97
CA ARG A 135 15.36 -18.95 -2.27
C ARG A 135 16.32 -18.64 -1.16
N ASP A 136 16.31 -17.38 -0.73
CA ASP A 136 17.13 -16.90 0.36
C ASP A 136 16.27 -16.89 1.65
N GLU A 137 15.49 -17.98 1.87
CA GLU A 137 14.58 -18.18 3.00
C GLU A 137 15.05 -19.37 3.83
N TYR A 138 14.89 -19.29 5.16
CA TYR A 138 15.34 -20.29 6.11
C TYR A 138 14.23 -20.80 7.01
N LEU A 139 14.30 -22.09 7.37
CA LEU A 139 13.35 -22.74 8.28
C LEU A 139 14.10 -22.97 9.61
N VAL A 140 14.11 -21.89 10.45
CA VAL A 140 14.78 -21.77 11.75
C VAL A 140 13.91 -21.12 12.84
N GLY A 141 14.24 -21.39 14.10
CA GLY A 141 13.58 -20.81 15.26
C GLY A 141 12.51 -21.65 15.92
N GLU A 142 12.12 -21.27 17.13
CA GLU A 142 11.12 -22.00 17.91
C GLU A 142 9.64 -21.83 17.49
N THR A 143 9.29 -22.39 16.29
CA THR A 143 7.95 -22.38 15.68
C THR A 143 7.67 -23.72 14.99
N PRO A 144 6.43 -24.27 15.03
CA PRO A 144 6.17 -25.52 14.28
C PRO A 144 6.30 -25.28 12.77
N ILE A 145 6.66 -26.31 11.98
CA ILE A 145 6.79 -26.13 10.52
C ILE A 145 5.48 -25.73 9.84
N LYS A 146 4.33 -26.00 10.48
CA LYS A 146 3.01 -25.61 9.98
C LYS A 146 2.87 -24.09 10.02
N ASN A 147 3.63 -23.44 10.94
CA ASN A 147 3.64 -22.00 11.22
C ASN A 147 4.58 -21.16 10.37
N PHE A 148 5.33 -21.79 9.45
CA PHE A 148 6.21 -21.12 8.51
C PHE A 148 5.42 -20.80 7.24
N GLN A 149 5.51 -19.53 6.77
CA GLN A 149 4.77 -19.05 5.61
C GLN A 149 5.09 -19.78 4.32
N TRP A 150 6.36 -20.18 4.15
CA TRP A 150 6.80 -20.90 2.98
C TRP A 150 6.16 -22.29 2.88
N VAL A 151 6.10 -23.02 4.01
CA VAL A 151 5.52 -24.35 4.12
C VAL A 151 4.03 -24.27 3.78
N ARG A 152 3.35 -23.23 4.30
CA ARG A 152 1.95 -22.94 4.04
C ARG A 152 1.68 -22.72 2.54
N HIS A 153 2.62 -22.05 1.82
CA HIS A 153 2.58 -21.78 0.37
C HIS A 153 2.72 -23.11 -0.38
N CYS A 154 3.70 -23.97 0.02
CA CYS A 154 3.91 -25.30 -0.54
C CYS A 154 2.68 -26.18 -0.37
N LEU A 155 1.98 -26.05 0.76
CA LEU A 155 0.74 -26.77 1.02
C LEU A 155 -0.40 -26.24 0.14
N LYS A 156 -0.61 -24.92 0.06
CA LYS A 156 -1.66 -24.32 -0.78
C LYS A 156 -1.45 -24.65 -2.27
N ASN A 157 -0.18 -24.70 -2.73
CA ASN A 157 0.21 -24.94 -4.13
C ASN A 157 0.51 -26.40 -4.54
N GLY A 158 0.30 -27.34 -3.60
CA GLY A 158 0.51 -28.77 -3.83
C GLY A 158 1.97 -29.20 -3.94
N GLU A 159 2.90 -28.22 -3.81
CA GLU A 159 4.35 -28.37 -3.91
C GLU A 159 5.00 -29.16 -2.77
N GLU A 160 6.21 -29.65 -3.05
CA GLU A 160 7.06 -30.44 -2.17
C GLU A 160 8.16 -29.54 -1.58
N ILE A 161 8.27 -29.53 -0.24
CA ILE A 161 9.20 -28.70 0.53
C ILE A 161 10.68 -29.07 0.33
N HIS A 162 11.36 -28.45 -0.63
CA HIS A 162 12.77 -28.74 -0.84
C HIS A 162 13.62 -27.77 -0.06
N VAL A 163 14.47 -28.32 0.81
CA VAL A 163 15.30 -27.52 1.70
C VAL A 163 16.75 -28.02 1.69
N VAL A 164 17.70 -27.16 1.28
CA VAL A 164 19.13 -27.46 1.25
C VAL A 164 19.76 -27.25 2.65
N LEU A 165 20.47 -28.26 3.16
CA LEU A 165 21.15 -28.16 4.46
C LEU A 165 22.49 -27.42 4.24
N ASP A 166 22.66 -26.25 4.90
CA ASP A 166 23.91 -25.45 4.80
C ASP A 166 24.29 -24.71 6.09
N THR A 167 25.39 -23.93 6.01
CA THR A 167 25.93 -23.18 7.14
C THR A 167 25.13 -21.89 7.36
N PRO A 168 24.82 -21.51 8.64
CA PRO A 168 24.08 -20.25 8.87
C PRO A 168 24.82 -19.02 8.36
N PRO A 169 24.12 -17.98 7.82
CA PRO A 169 24.84 -16.76 7.36
C PRO A 169 25.50 -16.05 8.52
N ASP A 170 26.67 -15.46 8.25
CA ASP A 170 27.46 -14.78 9.25
C ASP A 170 26.76 -13.50 9.76
N PRO A 171 26.35 -13.44 11.06
CA PRO A 171 25.72 -12.22 11.57
C PRO A 171 26.67 -11.03 11.59
N ALA A 172 27.98 -11.28 11.37
CA ALA A 172 29.01 -10.25 11.29
C ALA A 172 28.88 -9.45 9.97
N LEU A 173 28.19 -10.02 8.95
CA LEU A 173 27.94 -9.41 7.63
C LEU A 173 26.92 -8.27 7.76
N ASP A 174 26.00 -8.39 8.74
CA ASP A 174 24.93 -7.45 9.04
C ASP A 174 25.37 -6.33 10.00
N GLU A 175 26.71 -6.11 10.13
CA GLU A 175 27.32 -5.09 10.98
C GLU A 175 26.86 -3.70 10.56
N VAL A 176 26.71 -2.81 11.55
CA VAL A 176 26.26 -1.44 11.29
C VAL A 176 27.41 -0.48 11.55
N ARG A 177 27.68 0.43 10.59
CA ARG A 177 28.70 1.47 10.71
C ARG A 177 28.26 2.50 11.76
N LYS A 178 29.15 2.83 12.73
CA LYS A 178 28.89 3.76 13.85
C LYS A 178 28.58 5.22 13.44
N GLU A 179 27.40 5.74 13.87
CA GLU A 179 26.92 7.12 13.60
C GLU A 179 27.66 8.10 14.49
N GLU A 180 27.57 9.41 14.18
CA GLU A 180 28.21 10.48 14.97
C GLU A 180 27.33 11.75 15.08
N CYS A 215 -0.42 33.83 26.41
CA CYS A 215 -0.92 35.09 25.85
C CYS A 215 -2.37 34.93 25.39
N ASP A 216 -3.25 35.88 25.78
CA ASP A 216 -4.67 35.85 25.41
C ASP A 216 -5.04 36.73 24.20
N ARG A 217 -4.00 37.15 23.43
CA ARG A 217 -4.13 37.94 22.21
C ARG A 217 -4.70 37.05 21.09
N LYS A 218 -5.72 37.53 20.37
CA LYS A 218 -6.30 36.80 19.24
C LYS A 218 -5.22 36.60 18.14
N PHE A 219 -5.15 35.38 17.53
CA PHE A 219 -4.19 35.07 16.47
C PHE A 219 -4.42 35.98 15.24
N ARG A 220 -3.33 36.41 14.57
CA ARG A 220 -3.39 37.21 13.34
C ARG A 220 -2.23 36.91 12.40
N VAL A 221 -2.50 36.97 11.08
CA VAL A 221 -1.50 36.75 10.02
C VAL A 221 -1.55 37.91 9.03
N LYS A 222 -0.38 38.48 8.67
CA LYS A 222 -0.31 39.54 7.67
C LYS A 222 -0.09 38.91 6.32
N ILE A 223 -1.00 39.16 5.36
CA ILE A 223 -0.87 38.69 4.00
C ILE A 223 -0.25 39.86 3.25
N ARG A 224 1.10 39.85 3.10
CA ARG A 224 1.89 40.89 2.41
C ARG A 224 1.47 40.95 0.92
N GLY A 225 1.53 39.82 0.25
CA GLY A 225 1.16 39.69 -1.15
C GLY A 225 1.46 38.32 -1.75
N ILE A 226 1.17 38.17 -3.06
CA ILE A 226 1.37 36.96 -3.85
C ILE A 226 2.14 37.27 -5.15
N ASP A 227 3.12 36.42 -5.52
CA ASP A 227 3.89 36.67 -6.73
C ASP A 227 4.17 35.42 -7.56
N ILE A 228 3.81 35.49 -8.84
CA ILE A 228 4.02 34.42 -9.81
C ILE A 228 4.79 35.00 -11.02
N PRO A 229 5.96 34.42 -11.44
CA PRO A 229 6.70 35.00 -12.57
C PRO A 229 5.98 34.93 -13.92
N VAL A 230 5.01 34.00 -14.08
CA VAL A 230 4.24 33.82 -15.31
C VAL A 230 2.73 33.66 -15.08
N LEU A 231 1.95 34.62 -15.62
CA LEU A 231 0.49 34.60 -15.50
C LEU A 231 -0.25 34.08 -16.75
N PRO A 232 0.02 34.57 -18.01
CA PRO A 232 -0.71 34.07 -19.20
C PRO A 232 -1.32 32.67 -19.15
N ARG A 233 -2.67 32.64 -19.18
CA ARG A 233 -3.53 31.46 -19.17
C ARG A 233 -4.93 31.88 -19.71
N ASN A 234 -5.94 32.09 -18.82
CA ASN A 234 -7.29 32.50 -19.21
C ASN A 234 -7.47 34.04 -19.28
N THR A 235 -8.67 34.55 -18.90
CA THR A 235 -9.00 35.98 -18.95
C THR A 235 -8.23 36.83 -17.93
N ASP A 236 -8.95 37.38 -16.94
CA ASP A 236 -8.40 38.28 -15.90
C ASP A 236 -9.26 38.21 -14.62
N LEU A 237 -9.78 37.00 -14.29
CA LEU A 237 -10.61 36.77 -13.11
C LEU A 237 -9.88 37.22 -11.84
N THR A 238 -10.64 37.77 -10.87
CA THR A 238 -10.10 38.29 -9.60
C THR A 238 -9.44 37.18 -8.75
N VAL A 239 -8.68 37.56 -7.70
CA VAL A 239 -7.98 36.59 -6.84
C VAL A 239 -7.88 37.04 -5.36
N PHE A 240 -8.24 36.13 -4.42
CA PHE A 240 -8.15 36.39 -2.97
C PHE A 240 -7.43 35.26 -2.24
N VAL A 241 -6.96 35.57 -1.03
CA VAL A 241 -6.25 34.63 -0.16
C VAL A 241 -7.15 34.25 1.03
N GLU A 242 -7.43 32.93 1.19
CA GLU A 242 -8.22 32.34 2.28
C GLU A 242 -7.26 31.70 3.27
N ALA A 243 -7.25 32.18 4.51
CA ALA A 243 -6.38 31.67 5.57
C ALA A 243 -7.19 30.88 6.58
N ASN A 244 -6.90 29.58 6.69
CA ASN A 244 -7.64 28.64 7.53
C ASN A 244 -6.77 28.09 8.60
N ILE A 245 -7.29 28.01 9.81
CA ILE A 245 -6.62 27.36 10.93
C ILE A 245 -7.22 25.92 10.93
N GLN A 246 -6.58 24.97 10.22
CA GLN A 246 -7.05 23.58 10.14
C GLN A 246 -6.37 22.74 11.20
N HIS A 247 -7.08 21.71 11.67
CA HIS A 247 -6.62 20.72 12.64
C HIS A 247 -7.51 19.49 12.44
N GLY A 248 -6.92 18.41 11.94
CA GLY A 248 -7.62 17.16 11.66
C GLY A 248 -8.62 17.33 10.53
N GLN A 249 -8.20 18.06 9.44
CA GLN A 249 -8.98 18.41 8.23
C GLN A 249 -10.13 19.39 8.52
N GLN A 250 -10.50 19.53 9.81
CA GLN A 250 -11.55 20.41 10.31
C GLN A 250 -11.02 21.85 10.33
N VAL A 251 -11.83 22.82 9.80
CA VAL A 251 -11.44 24.24 9.79
C VAL A 251 -11.88 24.92 11.09
N LEU A 252 -10.93 25.24 11.96
CA LEU A 252 -11.22 25.92 13.21
C LEU A 252 -11.68 27.36 12.99
N CYS A 253 -10.93 28.14 12.19
CA CYS A 253 -11.26 29.52 11.83
C CYS A 253 -10.86 29.77 10.38
N GLN A 254 -11.64 30.60 9.68
CA GLN A 254 -11.42 30.95 8.28
C GLN A 254 -11.47 32.46 8.10
N ARG A 255 -10.50 33.04 7.39
CA ARG A 255 -10.44 34.48 7.10
C ARG A 255 -9.91 34.70 5.72
N ARG A 256 -10.65 35.47 4.90
CA ARG A 256 -10.29 35.83 3.53
C ARG A 256 -9.79 37.29 3.43
N THR A 257 -9.28 37.67 2.25
CA THR A 257 -8.81 39.01 1.92
C THR A 257 -9.81 39.61 0.93
N SER A 258 -9.73 40.94 0.72
CA SER A 258 -10.56 41.64 -0.24
C SER A 258 -10.13 41.19 -1.64
N PRO A 259 -11.06 40.83 -2.54
CA PRO A 259 -10.62 40.40 -3.89
C PRO A 259 -9.91 41.54 -4.63
N LYS A 260 -8.75 41.22 -5.21
CA LYS A 260 -7.92 42.17 -5.94
C LYS A 260 -7.63 41.62 -7.37
N PRO A 261 -7.16 42.47 -8.31
CA PRO A 261 -6.92 41.95 -9.68
C PRO A 261 -5.74 40.98 -9.77
N PHE A 262 -5.96 39.82 -10.44
CA PHE A 262 -4.95 38.77 -10.60
C PHE A 262 -3.80 39.17 -11.54
N THR A 263 -2.79 39.86 -10.97
CA THR A 263 -1.56 40.30 -11.65
C THR A 263 -0.39 39.43 -11.19
N GLU A 264 0.79 39.61 -11.83
CA GLU A 264 2.02 38.86 -11.52
C GLU A 264 2.52 39.13 -10.08
N GLU A 265 2.04 40.23 -9.46
CA GLU A 265 2.30 40.62 -8.07
C GLU A 265 1.03 41.27 -7.51
N VAL A 266 0.43 40.65 -6.48
CA VAL A 266 -0.79 41.18 -5.86
C VAL A 266 -0.53 41.47 -4.36
N LEU A 267 -0.12 42.72 -4.03
CA LEU A 267 0.09 43.12 -2.63
C LEU A 267 -1.26 43.47 -1.96
N TRP A 268 -1.41 43.14 -0.67
CA TRP A 268 -2.61 43.40 0.13
C TRP A 268 -2.27 44.18 1.40
N ASN A 269 -1.14 43.82 2.04
CA ASN A 269 -0.61 44.35 3.31
C ASN A 269 -1.72 44.42 4.39
N VAL A 270 -2.53 43.33 4.47
CA VAL A 270 -3.66 43.19 5.38
C VAL A 270 -3.32 42.31 6.58
N TRP A 271 -3.77 42.73 7.75
CA TRP A 271 -3.67 41.90 8.94
C TRP A 271 -5.00 41.17 8.96
N LEU A 272 -4.97 39.83 9.06
CA LEU A 272 -6.18 39.01 9.09
C LEU A 272 -6.37 38.60 10.53
N GLU A 273 -7.40 39.18 11.19
CA GLU A 273 -7.71 38.91 12.58
C GLU A 273 -8.57 37.68 12.68
N PHE A 274 -8.18 36.77 13.57
CA PHE A 274 -8.91 35.55 13.82
C PHE A 274 -9.57 35.64 15.18
N SER A 275 -10.65 34.88 15.39
CA SER A 275 -11.35 34.84 16.68
C SER A 275 -10.50 34.14 17.76
N ILE A 276 -9.74 33.09 17.36
CA ILE A 276 -8.88 32.20 18.16
C ILE A 276 -7.78 32.92 18.91
N LYS A 277 -7.60 32.56 20.17
CA LYS A 277 -6.54 33.07 21.03
C LYS A 277 -5.33 32.14 20.91
N ILE A 278 -4.12 32.67 21.14
CA ILE A 278 -2.85 31.96 21.04
C ILE A 278 -2.75 30.74 21.97
N LYS A 279 -3.29 30.85 23.19
CA LYS A 279 -3.30 29.76 24.16
C LYS A 279 -4.20 28.59 23.69
N ASP A 280 -5.27 28.94 22.93
CA ASP A 280 -6.27 28.05 22.37
C ASP A 280 -5.84 27.31 21.10
N LEU A 281 -4.69 27.70 20.50
CA LEU A 281 -4.18 27.03 19.29
C LEU A 281 -3.63 25.65 19.67
N PRO A 282 -4.10 24.58 19.00
CA PRO A 282 -3.56 23.24 19.34
C PRO A 282 -2.25 22.90 18.59
N LYS A 283 -1.36 22.09 19.22
CA LYS A 283 -0.14 21.63 18.56
C LYS A 283 -0.60 20.69 17.43
N GLY A 284 -0.15 20.94 16.21
CA GLY A 284 -0.57 20.16 15.07
C GLY A 284 -1.51 20.93 14.17
N ALA A 285 -1.89 22.14 14.59
CA ALA A 285 -2.73 23.00 13.77
C ALA A 285 -1.85 23.54 12.66
N LEU A 286 -2.46 23.75 11.48
CA LEU A 286 -1.83 24.29 10.29
C LEU A 286 -2.46 25.61 9.93
N LEU A 287 -1.63 26.57 9.47
CA LEU A 287 -2.13 27.76 8.84
C LEU A 287 -2.21 27.36 7.36
N ASN A 288 -3.42 27.16 6.88
CA ASN A 288 -3.68 26.73 5.52
C ASN A 288 -4.02 27.96 4.72
N LEU A 289 -3.07 28.35 3.83
CA LEU A 289 -3.14 29.50 2.95
C LEU A 289 -3.48 29.02 1.58
N GLN A 290 -4.61 29.46 1.07
CA GLN A 290 -5.11 29.04 -0.24
C GLN A 290 -5.49 30.23 -1.13
N ILE A 291 -5.35 30.05 -2.45
CA ILE A 291 -5.61 31.06 -3.47
C ILE A 291 -6.76 30.64 -4.38
N TYR A 292 -7.82 31.44 -4.37
CA TYR A 292 -9.02 31.24 -5.18
C TYR A 292 -9.17 32.34 -6.23
N CYS A 293 -9.59 31.97 -7.46
CA CYS A 293 -9.81 32.89 -8.57
C CYS A 293 -11.24 33.45 -8.46
N VAL A 316 -16.42 30.49 -7.71
CA VAL A 316 -15.00 30.59 -7.38
C VAL A 316 -14.23 29.28 -7.67
N GLN A 317 -12.87 29.33 -7.73
CA GLN A 317 -11.98 28.15 -7.85
C GLN A 317 -10.60 28.29 -7.22
N LEU A 318 -10.12 27.17 -6.66
CA LEU A 318 -8.84 27.01 -5.98
C LEU A 318 -7.65 26.65 -6.91
N LEU A 319 -6.62 27.51 -6.90
CA LEU A 319 -5.45 27.35 -7.75
C LEU A 319 -4.18 26.88 -7.06
N TYR A 320 -3.93 27.39 -5.84
CA TYR A 320 -2.71 27.12 -5.09
C TYR A 320 -3.00 27.02 -3.61
N TYR A 321 -2.23 26.16 -2.94
CA TYR A 321 -2.26 25.98 -1.49
C TYR A 321 -0.84 25.87 -0.97
N VAL A 322 -0.66 26.13 0.33
CA VAL A 322 0.56 25.99 1.12
C VAL A 322 0.15 26.02 2.60
N ASN A 323 0.83 25.20 3.42
CA ASN A 323 0.55 25.11 4.83
C ASN A 323 1.78 25.37 5.63
N LEU A 324 1.58 26.03 6.73
CA LEU A 324 2.62 26.35 7.68
C LEU A 324 2.09 25.88 9.01
N LEU A 325 2.90 25.16 9.78
CA LEU A 325 2.48 24.67 11.09
C LEU A 325 2.56 25.78 12.08
N LEU A 326 1.42 26.19 12.65
CA LEU A 326 1.31 27.26 13.64
C LEU A 326 2.24 27.08 14.84
N ILE A 327 2.39 25.84 15.30
CA ILE A 327 3.28 25.48 16.42
C ILE A 327 4.36 24.50 15.87
N ASP A 328 5.65 24.82 16.12
CA ASP A 328 6.81 24.02 15.68
C ASP A 328 7.03 22.73 16.49
N HIS A 329 7.99 21.90 16.05
CA HIS A 329 8.47 20.64 16.64
C HIS A 329 9.05 20.79 18.07
N ARG A 330 9.39 22.03 18.49
CA ARG A 330 9.92 22.42 19.81
C ARG A 330 8.80 23.09 20.64
N PHE A 331 7.51 22.84 20.28
CA PHE A 331 6.31 23.41 20.90
C PHE A 331 6.28 24.95 20.86
N LEU A 332 7.18 25.58 20.09
CA LEU A 332 7.21 27.03 20.02
C LEU A 332 6.21 27.53 18.99
N LEU A 333 5.66 28.73 19.23
CA LEU A 333 4.76 29.35 18.28
C LEU A 333 5.57 29.99 17.17
N ARG A 334 5.19 29.66 15.94
CA ARG A 334 5.80 30.16 14.71
C ARG A 334 5.69 31.69 14.67
N ARG A 335 6.85 32.37 14.52
CA ARG A 335 6.94 33.83 14.48
C ARG A 335 7.92 34.23 13.40
N GLY A 336 7.56 35.24 12.61
CA GLY A 336 8.43 35.77 11.57
C GLY A 336 7.84 36.02 10.20
N GLU A 337 8.75 36.29 9.24
CA GLU A 337 8.50 36.57 7.83
C GLU A 337 8.69 35.29 7.03
N TYR A 338 7.70 34.98 6.18
CA TYR A 338 7.72 33.76 5.38
C TYR A 338 7.35 34.03 3.94
N VAL A 339 8.17 33.51 3.00
CA VAL A 339 7.92 33.53 1.57
C VAL A 339 7.77 32.06 1.22
N LEU A 340 6.51 31.61 1.08
CA LEU A 340 6.20 30.21 0.85
C LEU A 340 5.78 29.89 -0.56
N HIS A 341 6.58 29.07 -1.21
CA HIS A 341 6.32 28.59 -2.57
C HIS A 341 5.27 27.50 -2.50
N MET A 342 4.15 27.77 -3.21
CA MET A 342 2.90 27.03 -3.21
C MET A 342 2.78 25.98 -4.28
N TRP A 343 1.95 24.97 -4.00
CA TRP A 343 1.64 23.85 -4.90
C TRP A 343 0.40 24.25 -5.66
N GLN A 344 0.28 23.78 -6.91
CA GLN A 344 -0.86 24.03 -7.78
C GLN A 344 -1.78 22.81 -7.87
N ILE A 345 -3.08 23.07 -8.09
CA ILE A 345 -4.16 22.09 -8.28
C ILE A 345 -4.52 22.02 -9.79
N SER A 346 -4.83 20.79 -10.30
CA SER A 346 -5.23 20.54 -11.71
C SER A 346 -6.74 20.82 -12.01
N GLY A 347 -6.99 21.43 -13.18
CA GLY A 347 -8.33 21.76 -13.65
C GLY A 347 -8.69 21.07 -14.95
N PHE A 355 -10.31 16.27 1.29
CA PHE A 355 -9.98 15.91 -0.09
C PHE A 355 -8.82 14.90 -0.16
N ASN A 356 -7.57 15.30 -0.50
CA ASN A 356 -6.42 14.37 -0.54
C ASN A 356 -5.24 14.72 0.41
N ALA A 357 -4.34 13.72 0.68
CA ALA A 357 -3.15 13.78 1.56
C ALA A 357 -2.15 14.88 1.20
N ASP A 358 -1.99 15.18 -0.10
CA ASP A 358 -1.09 16.23 -0.57
C ASP A 358 -1.47 17.65 -0.06
N LYS A 359 -2.77 17.91 0.18
CA LYS A 359 -3.26 19.18 0.70
C LYS A 359 -2.88 19.42 2.19
N LEU A 360 -2.32 18.41 2.84
CA LEU A 360 -1.98 18.50 4.27
C LEU A 360 -0.52 18.83 4.54
N THR A 361 0.34 18.67 3.51
CA THR A 361 1.79 18.87 3.55
C THR A 361 2.30 20.19 4.15
N SER A 362 3.36 20.10 4.96
CA SER A 362 4.04 21.23 5.59
C SER A 362 5.21 21.65 4.67
N ALA A 363 5.55 20.78 3.72
CA ALA A 363 6.59 20.99 2.73
C ALA A 363 6.17 22.09 1.75
N THR A 364 7.17 22.81 1.21
CA THR A 364 6.97 23.87 0.21
C THR A 364 7.43 23.40 -1.17
N ASN A 365 6.87 23.99 -2.23
CA ASN A 365 7.20 23.67 -3.62
C ASN A 365 8.72 23.94 -3.86
N PRO A 366 9.53 22.92 -4.26
CA PRO A 366 10.99 23.16 -4.42
C PRO A 366 11.31 24.06 -5.61
N ASP A 367 10.44 24.04 -6.65
CA ASP A 367 10.51 24.82 -7.87
C ASP A 367 10.15 26.30 -7.59
N LYS A 368 11.16 27.10 -7.25
CA LYS A 368 11.00 28.53 -6.95
C LYS A 368 10.90 29.39 -8.23
N GLU A 369 11.37 28.86 -9.37
CA GLU A 369 11.36 29.54 -10.66
C GLU A 369 9.96 29.64 -11.27
N ASN A 370 9.17 28.56 -11.23
CA ASN A 370 7.83 28.56 -11.86
C ASN A 370 6.66 28.68 -10.89
N SER A 371 6.85 28.29 -9.61
CA SER A 371 5.77 28.30 -8.63
C SER A 371 5.38 29.68 -8.10
N MET A 372 4.10 29.75 -7.66
CA MET A 372 3.44 30.88 -7.02
C MET A 372 3.96 30.92 -5.61
N SER A 373 4.23 32.11 -5.10
CA SER A 373 4.66 32.23 -3.72
C SER A 373 3.77 33.21 -2.96
N ILE A 374 3.70 33.04 -1.63
CA ILE A 374 2.93 33.92 -0.75
C ILE A 374 3.87 34.55 0.28
N SER A 375 3.70 35.86 0.53
CA SER A 375 4.50 36.54 1.55
C SER A 375 3.63 36.82 2.77
N ILE A 376 4.05 36.29 3.92
CA ILE A 376 3.28 36.43 5.15
C ILE A 376 4.14 36.88 6.32
N LEU A 377 3.47 37.46 7.35
CA LEU A 377 4.13 37.88 8.57
C LEU A 377 3.38 37.49 9.83
N LEU A 378 4.12 36.85 10.77
CA LEU A 378 3.64 36.45 12.08
C LEU A 378 4.33 37.21 13.19
N ASP A 379 3.58 38.16 13.79
CA ASP A 379 4.03 38.99 14.89
C ASP A 379 3.38 38.55 16.19
N ASN A 380 3.03 37.26 16.26
CA ASN A 380 2.37 36.63 17.41
C ASN A 380 3.45 36.02 18.27
N TYR A 381 3.55 36.47 19.52
CA TYR A 381 4.57 35.95 20.44
C TYR A 381 3.90 35.08 21.51
N CYS A 382 4.73 34.24 22.21
CA CYS A 382 4.28 33.33 23.29
C CYS A 382 5.30 32.21 23.56
N HIS A 383 4.98 31.38 24.58
CA HIS A 383 5.80 30.24 24.98
C HIS A 383 4.85 29.25 25.75
N PRO A 384 4.03 28.37 25.06
CA PRO A 384 3.01 27.58 25.76
C PRO A 384 3.33 26.07 25.87
N ARG A 402 -19.02 8.69 37.81
CA ARG A 402 -19.49 9.66 38.81
C ARG A 402 -21.02 9.70 38.90
N ALA A 403 -21.70 10.13 37.81
CA ALA A 403 -23.16 10.20 37.70
C ALA A 403 -23.72 8.89 37.07
N GLU A 404 -24.98 8.91 36.57
CA GLU A 404 -25.59 7.72 35.94
C GLU A 404 -26.37 8.11 34.71
N MET A 405 -26.03 7.52 33.55
CA MET A 405 -26.68 7.83 32.27
C MET A 405 -28.13 7.30 32.14
N PRO A 406 -29.09 8.15 31.72
CA PRO A 406 -30.46 7.67 31.49
C PRO A 406 -30.51 6.53 30.48
N ASN A 407 -31.56 5.71 30.56
CA ASN A 407 -31.75 4.56 29.69
C ASN A 407 -31.73 4.93 28.21
N GLN A 408 -32.57 5.89 27.77
CA GLN A 408 -32.65 6.29 26.37
C GLN A 408 -31.48 7.11 25.84
N LEU A 409 -30.64 7.67 26.75
CA LEU A 409 -29.43 8.42 26.39
C LEU A 409 -28.30 7.44 26.18
N ARG A 410 -28.13 6.45 27.10
CA ARG A 410 -27.17 5.35 26.96
C ARG A 410 -27.43 4.68 25.61
N LYS A 411 -28.71 4.40 25.30
CA LYS A 411 -29.19 3.81 24.07
C LYS A 411 -28.93 4.69 22.83
N GLN A 412 -29.10 6.03 22.96
CA GLN A 412 -28.83 7.03 21.92
C GLN A 412 -27.34 7.00 21.60
N LEU A 413 -26.47 6.97 22.66
CA LEU A 413 -25.01 6.91 22.58
C LEU A 413 -24.56 5.65 21.87
N GLU A 414 -25.02 4.47 22.33
CA GLU A 414 -24.72 3.16 21.75
C GLU A 414 -25.10 3.07 20.27
N ALA A 415 -26.19 3.73 19.86
CA ALA A 415 -26.66 3.79 18.47
C ALA A 415 -25.66 4.57 17.59
N ILE A 416 -25.11 5.70 18.12
CA ILE A 416 -24.07 6.53 17.48
C ILE A 416 -22.77 5.70 17.41
N ILE A 417 -22.39 4.99 18.50
CA ILE A 417 -21.17 4.18 18.54
C ILE A 417 -21.23 3.01 17.55
N ALA A 418 -22.44 2.48 17.33
CA ALA A 418 -22.70 1.33 16.42
C ALA A 418 -22.52 1.69 14.97
N THR A 419 -22.76 2.96 14.64
CA THR A 419 -22.76 3.50 13.29
C THR A 419 -21.40 3.37 12.53
N ASP A 420 -21.46 3.42 11.19
CA ASP A 420 -20.30 3.25 10.31
C ASP A 420 -19.29 4.43 10.36
N PRO A 421 -18.00 4.24 9.97
CA PRO A 421 -17.03 5.36 10.04
C PRO A 421 -17.39 6.52 9.13
N LEU A 422 -18.02 6.22 7.97
CA LEU A 422 -18.47 7.20 6.99
C LEU A 422 -19.76 7.92 7.41
N ASN A 423 -20.38 7.48 8.52
CA ASN A 423 -21.59 8.09 9.04
C ASN A 423 -21.29 9.45 9.67
N PRO A 424 -21.95 10.51 9.15
CA PRO A 424 -21.68 11.87 9.65
C PRO A 424 -22.29 12.13 11.02
N LEU A 425 -21.56 12.90 11.86
CA LEU A 425 -21.98 13.27 13.22
C LEU A 425 -22.63 14.63 13.22
N THR A 426 -23.74 14.71 13.93
CA THR A 426 -24.52 15.92 14.14
C THR A 426 -23.89 16.67 15.33
N ALA A 427 -24.12 17.98 15.43
CA ALA A 427 -23.68 18.76 16.59
C ALA A 427 -24.30 18.12 17.85
N GLU A 428 -25.49 17.52 17.68
CA GLU A 428 -26.23 16.80 18.71
C GLU A 428 -25.45 15.51 19.12
N ASP A 429 -24.96 14.74 18.14
CA ASP A 429 -24.18 13.51 18.36
C ASP A 429 -22.85 13.82 19.07
N LYS A 430 -22.18 14.90 18.65
CA LYS A 430 -20.90 15.39 19.21
C LYS A 430 -21.04 15.79 20.66
N GLU A 431 -22.10 16.56 20.98
CA GLU A 431 -22.39 17.02 22.36
C GLU A 431 -22.74 15.83 23.24
N LEU A 432 -23.38 14.80 22.65
CA LEU A 432 -23.78 13.60 23.37
C LEU A 432 -22.57 12.74 23.68
N LEU A 433 -21.63 12.60 22.70
CA LEU A 433 -20.37 11.86 22.85
C LEU A 433 -19.51 12.53 23.89
N TRP A 434 -19.37 13.85 23.77
CA TRP A 434 -18.54 14.63 24.68
C TRP A 434 -19.08 14.70 26.10
N HIS A 435 -20.37 15.05 26.27
CA HIS A 435 -20.93 15.16 27.62
C HIS A 435 -20.85 13.88 28.42
N PHE A 436 -21.06 12.73 27.72
CA PHE A 436 -20.95 11.40 28.30
C PHE A 436 -19.68 10.69 27.81
N ARG A 437 -18.55 11.41 27.87
CA ARG A 437 -17.24 10.93 27.44
C ARG A 437 -16.67 9.79 28.28
N TYR A 438 -17.03 9.72 29.57
CA TYR A 438 -16.54 8.63 30.41
C TYR A 438 -17.26 7.32 30.10
N GLU A 439 -18.52 7.44 29.67
CA GLU A 439 -19.31 6.29 29.24
C GLU A 439 -18.80 5.91 27.85
N SER A 440 -18.51 6.93 27.00
CA SER A 440 -17.95 6.78 25.64
C SER A 440 -16.58 6.08 25.68
N LEU A 441 -15.77 6.38 26.70
CA LEU A 441 -14.45 5.80 26.92
C LEU A 441 -14.49 4.28 27.14
N LYS A 442 -15.60 3.77 27.69
CA LYS A 442 -15.79 2.34 27.95
C LYS A 442 -15.87 1.53 26.64
N HIS A 443 -16.18 2.22 25.52
CA HIS A 443 -16.33 1.62 24.19
C HIS A 443 -15.16 1.97 23.27
N PRO A 444 -14.17 1.04 23.12
CA PRO A 444 -13.03 1.32 22.22
C PRO A 444 -13.47 1.70 20.81
N LYS A 445 -14.60 1.15 20.34
CA LYS A 445 -15.21 1.47 19.04
C LYS A 445 -15.82 2.90 18.98
N ALA A 446 -15.87 3.61 20.12
CA ALA A 446 -16.40 4.97 20.16
C ALA A 446 -15.28 5.99 20.00
N TYR A 447 -14.03 5.54 20.15
CA TYR A 447 -12.85 6.39 20.10
C TYR A 447 -12.77 7.33 18.90
N PRO A 448 -12.92 6.89 17.61
CA PRO A 448 -12.82 7.86 16.50
C PRO A 448 -13.87 8.96 16.57
N LYS A 449 -15.14 8.56 16.81
CA LYS A 449 -16.27 9.48 16.97
C LYS A 449 -16.07 10.39 18.18
N LEU A 450 -15.65 9.84 19.32
CA LEU A 450 -15.35 10.61 20.51
C LEU A 450 -14.18 11.59 20.28
N PHE A 451 -13.05 11.11 19.70
CA PHE A 451 -11.89 11.97 19.48
C PHE A 451 -11.99 13.01 18.40
N SER A 452 -12.99 12.87 17.54
CA SER A 452 -13.32 13.87 16.53
C SER A 452 -14.34 14.88 17.14
N SER A 453 -15.21 14.39 18.08
CA SER A 453 -16.20 15.17 18.84
C SER A 453 -15.58 16.29 19.72
N VAL A 454 -14.23 16.25 19.93
CA VAL A 454 -13.48 17.22 20.72
C VAL A 454 -13.38 18.55 19.96
N LYS A 455 -13.44 19.68 20.70
CA LYS A 455 -13.27 21.06 20.25
C LYS A 455 -11.79 21.36 20.49
N TRP A 456 -10.94 21.06 19.49
CA TRP A 456 -9.47 21.24 19.52
C TRP A 456 -9.01 22.71 19.62
N GLY A 457 -9.92 23.62 19.24
CA GLY A 457 -9.71 25.06 19.32
C GLY A 457 -9.81 25.65 20.73
N GLN A 458 -10.11 24.79 21.76
CA GLN A 458 -10.23 25.20 23.17
C GLN A 458 -9.24 24.47 24.09
N GLN A 459 -8.29 25.26 24.64
CA GLN A 459 -7.23 24.76 25.52
C GLN A 459 -7.74 23.96 26.72
N GLU A 460 -8.92 24.35 27.28
CA GLU A 460 -9.58 23.68 28.40
C GLU A 460 -10.07 22.27 28.00
N ILE A 461 -10.80 22.18 26.86
CA ILE A 461 -11.33 20.93 26.27
C ILE A 461 -10.23 19.91 25.95
N VAL A 462 -9.10 20.36 25.38
CA VAL A 462 -7.95 19.52 25.03
C VAL A 462 -7.32 18.94 26.32
N ALA A 463 -7.25 19.76 27.39
CA ALA A 463 -6.69 19.33 28.68
C ALA A 463 -7.59 18.24 29.24
N LYS A 464 -8.92 18.41 29.05
CA LYS A 464 -9.95 17.49 29.52
C LYS A 464 -9.87 16.18 28.76
N THR A 465 -9.56 16.28 27.45
CA THR A 465 -9.37 15.14 26.53
C THR A 465 -8.09 14.41 26.96
N TYR A 466 -7.06 15.19 27.38
CA TYR A 466 -5.81 14.62 27.86
C TYR A 466 -6.02 13.91 29.18
N GLN A 467 -7.02 14.39 29.98
CA GLN A 467 -7.43 13.77 31.25
C GLN A 467 -8.12 12.42 30.97
N LEU A 468 -8.93 12.32 29.89
CA LEU A 468 -9.65 11.11 29.45
C LEU A 468 -8.70 9.99 29.02
N LEU A 469 -7.69 10.34 28.20
CA LEU A 469 -6.70 9.38 27.68
C LEU A 469 -5.78 8.83 28.79
N ALA A 470 -5.74 9.49 29.96
CA ALA A 470 -4.94 9.07 31.10
C ALA A 470 -5.59 7.84 31.74
N ARG A 471 -6.94 7.78 31.66
CA ARG A 471 -7.80 6.71 32.19
C ARG A 471 -8.06 5.64 31.10
N ARG A 472 -7.09 5.48 30.18
CA ARG A 472 -7.09 4.57 29.03
C ARG A 472 -7.61 3.15 29.26
N GLU A 473 -7.14 2.45 30.33
CA GLU A 473 -7.45 1.07 30.76
C GLU A 473 -8.27 0.15 29.86
N VAL A 474 -9.53 0.52 29.52
CA VAL A 474 -10.40 -0.27 28.63
C VAL A 474 -9.80 -0.40 27.22
N TRP A 475 -9.10 0.67 26.76
CA TRP A 475 -8.41 0.73 25.48
C TRP A 475 -7.23 -0.23 25.49
N ASP A 476 -6.27 -0.06 26.43
CA ASP A 476 -5.06 -0.90 26.57
C ASP A 476 -5.40 -2.37 26.67
N GLN A 477 -6.53 -2.71 27.32
CA GLN A 477 -6.97 -4.09 27.51
C GLN A 477 -7.80 -4.65 26.36
N SER A 478 -8.31 -3.78 25.47
CA SER A 478 -9.08 -4.22 24.31
C SER A 478 -8.23 -5.01 23.30
N ALA A 479 -8.84 -5.98 22.61
CA ALA A 479 -8.14 -6.77 21.61
C ALA A 479 -7.86 -5.82 20.42
N LEU A 480 -6.62 -5.85 19.88
CA LEU A 480 -6.24 -4.99 18.75
C LEU A 480 -7.24 -5.12 17.61
N ASP A 481 -7.80 -3.98 17.19
CA ASP A 481 -8.72 -3.89 16.08
C ASP A 481 -8.04 -2.93 15.11
N VAL A 482 -7.29 -3.47 14.14
CA VAL A 482 -6.54 -2.66 13.16
C VAL A 482 -7.43 -1.63 12.45
N GLY A 483 -8.62 -2.07 12.05
CA GLY A 483 -9.63 -1.22 11.44
C GLY A 483 -9.89 0.04 12.24
N LEU A 484 -10.09 -0.12 13.56
CA LEU A 484 -10.30 0.94 14.55
C LEU A 484 -9.03 1.74 14.75
N THR A 485 -7.88 1.07 14.88
CA THR A 485 -6.54 1.67 15.05
C THR A 485 -6.16 2.60 13.86
N MET A 486 -6.30 2.11 12.59
CA MET A 486 -6.03 2.86 11.35
C MET A 486 -6.88 4.12 11.26
N GLN A 487 -8.13 4.04 11.79
CA GLN A 487 -9.13 5.12 11.78
C GLN A 487 -8.63 6.33 12.51
N LEU A 488 -7.76 6.12 13.55
CA LEU A 488 -7.15 7.18 14.40
C LEU A 488 -5.87 7.76 13.76
N LEU A 489 -5.42 7.16 12.64
CA LEU A 489 -4.22 7.56 11.92
C LEU A 489 -4.52 8.28 10.59
N ASP A 490 -5.81 8.59 10.32
CA ASP A 490 -6.17 9.28 9.09
C ASP A 490 -6.09 10.81 9.21
N CYS A 491 -6.59 11.50 8.18
CA CYS A 491 -6.63 12.95 8.07
C CYS A 491 -7.45 13.62 9.18
N ASN A 492 -8.46 12.91 9.76
CA ASN A 492 -9.39 13.43 10.77
C ASN A 492 -8.80 13.65 12.18
N PHE A 493 -7.54 13.20 12.40
CA PHE A 493 -6.85 13.25 13.68
C PHE A 493 -5.48 13.88 13.51
N SER A 494 -5.29 15.04 14.12
CA SER A 494 -4.07 15.84 14.00
C SER A 494 -3.36 16.04 15.36
N ASP A 495 -3.80 15.28 16.40
CA ASP A 495 -3.28 15.32 17.76
C ASP A 495 -2.30 14.20 18.08
N GLU A 496 -1.12 14.61 18.58
CA GLU A 496 0.00 13.78 19.05
C GLU A 496 -0.47 12.60 19.88
N ASN A 497 -1.21 12.91 20.96
CA ASN A 497 -1.71 11.95 21.93
C ASN A 497 -2.71 10.96 21.40
N VAL A 498 -3.75 11.43 20.67
CA VAL A 498 -4.75 10.55 20.06
C VAL A 498 -4.02 9.58 19.08
N ARG A 499 -3.19 10.12 18.19
CA ARG A 499 -2.42 9.36 17.22
C ARG A 499 -1.47 8.33 17.84
N ALA A 500 -0.79 8.68 18.98
CA ALA A 500 0.10 7.79 19.75
C ALA A 500 -0.59 6.56 20.34
N ILE A 501 -1.81 6.72 20.89
CA ILE A 501 -2.55 5.60 21.50
C ILE A 501 -2.87 4.52 20.48
N ALA A 502 -3.11 4.94 19.21
CA ALA A 502 -3.34 4.07 18.07
C ALA A 502 -2.03 3.36 17.74
N VAL A 503 -0.89 4.07 17.73
CA VAL A 503 0.43 3.47 17.47
C VAL A 503 0.81 2.41 18.53
N GLN A 504 0.45 2.69 19.82
CA GLN A 504 0.65 1.82 20.99
C GLN A 504 -0.08 0.48 20.76
N LYS A 505 -1.23 0.55 20.05
CA LYS A 505 -2.03 -0.63 19.71
C LYS A 505 -1.40 -1.48 18.61
N LEU A 506 -0.69 -0.86 17.65
CA LEU A 506 -0.01 -1.57 16.55
C LEU A 506 1.21 -2.36 17.00
N GLU A 507 1.79 -2.06 18.16
CA GLU A 507 2.98 -2.76 18.67
C GLU A 507 2.78 -4.26 18.87
N SER A 508 1.57 -4.66 19.33
CA SER A 508 1.23 -6.07 19.54
C SER A 508 1.36 -6.94 18.25
N LEU A 509 1.05 -6.38 17.06
CA LEU A 509 1.17 -7.01 15.73
C LEU A 509 2.44 -7.85 15.55
N GLU A 510 2.25 -9.09 15.07
CA GLU A 510 3.35 -9.97 14.70
C GLU A 510 3.83 -9.46 13.33
N ASP A 511 5.11 -9.71 13.02
CA ASP A 511 5.76 -9.30 11.78
C ASP A 511 4.95 -9.61 10.51
N ASP A 512 4.22 -10.73 10.54
CA ASP A 512 3.32 -11.20 9.49
C ASP A 512 2.21 -10.18 9.14
N ASP A 513 1.48 -9.67 10.17
CA ASP A 513 0.43 -8.66 10.05
C ASP A 513 0.97 -7.29 9.72
N VAL A 514 2.19 -6.97 10.17
CA VAL A 514 2.82 -5.68 9.87
C VAL A 514 2.95 -5.59 8.36
N LEU A 515 3.47 -6.67 7.72
CA LEU A 515 3.65 -6.78 6.26
C LEU A 515 2.35 -6.56 5.52
N HIS A 516 1.22 -7.01 6.10
CA HIS A 516 -0.09 -6.85 5.51
C HIS A 516 -0.56 -5.40 5.43
N TYR A 517 -0.12 -4.56 6.37
CA TYR A 517 -0.52 -3.16 6.54
C TYR A 517 0.56 -2.14 6.31
N LEU A 518 1.82 -2.60 6.10
CA LEU A 518 2.99 -1.76 5.91
C LEU A 518 2.80 -0.59 4.96
N LEU A 519 2.35 -0.88 3.73
CA LEU A 519 2.11 0.11 2.68
C LEU A 519 1.16 1.20 3.16
N GLN A 520 -0.01 0.81 3.72
CA GLN A 520 -1.01 1.75 4.23
C GLN A 520 -0.50 2.49 5.45
N LEU A 521 0.37 1.83 6.26
CA LEU A 521 1.02 2.42 7.45
C LEU A 521 2.04 3.49 7.08
N VAL A 522 2.86 3.25 6.04
CA VAL A 522 3.81 4.20 5.44
C VAL A 522 3.02 5.37 4.79
N GLN A 523 1.93 5.03 4.07
CA GLN A 523 1.07 6.01 3.42
C GLN A 523 0.38 6.89 4.46
N ALA A 524 0.14 6.34 5.68
CA ALA A 524 -0.47 7.07 6.78
C ALA A 524 0.46 8.16 7.39
N VAL A 525 1.78 8.12 7.08
CA VAL A 525 2.80 9.09 7.55
C VAL A 525 2.52 10.48 6.99
N LYS A 526 1.92 10.50 5.78
CA LYS A 526 1.44 11.67 5.08
C LYS A 526 0.44 12.47 5.92
N PHE A 527 -0.28 11.81 6.88
CA PHE A 527 -1.32 12.41 7.75
C PHE A 527 -0.79 12.99 9.02
N GLU A 528 0.46 12.65 9.37
CA GLU A 528 1.13 13.15 10.56
C GLU A 528 1.47 14.65 10.43
N PRO A 529 1.14 15.49 11.44
CA PRO A 529 1.53 16.91 11.36
C PRO A 529 3.05 17.14 11.35
N TYR A 530 3.80 16.26 12.03
CA TYR A 530 5.25 16.36 12.23
C TYR A 530 6.03 15.23 11.59
N HIS A 531 7.29 15.50 11.16
CA HIS A 531 8.19 14.53 10.54
C HIS A 531 8.51 13.43 11.52
N ASP A 532 8.98 13.78 12.73
CA ASP A 532 9.19 12.78 13.77
C ASP A 532 7.83 12.53 14.40
N SER A 533 7.40 11.27 14.41
CA SER A 533 6.12 10.88 14.96
C SER A 533 6.20 9.47 15.46
N ALA A 534 5.22 9.05 16.28
CA ALA A 534 5.14 7.70 16.84
C ALA A 534 5.00 6.65 15.72
N LEU A 535 4.26 7.00 14.64
CA LEU A 535 4.04 6.12 13.49
C LEU A 535 5.32 5.93 12.71
N ALA A 536 6.03 7.01 12.44
CA ALA A 536 7.28 6.93 11.70
C ALA A 536 8.29 6.09 12.53
N ARG A 537 8.37 6.31 13.87
CA ARG A 537 9.28 5.57 14.74
C ARG A 537 8.85 4.14 14.86
N PHE A 538 7.54 3.88 14.74
CA PHE A 538 7.03 2.52 14.77
C PHE A 538 7.48 1.77 13.54
N LEU A 539 7.34 2.39 12.37
CA LEU A 539 7.72 1.81 11.09
C LEU A 539 9.21 1.50 11.06
N LEU A 540 10.03 2.48 11.43
CA LEU A 540 11.48 2.41 11.58
C LEU A 540 11.84 1.22 12.51
N LYS A 541 11.30 1.19 13.75
CA LYS A 541 11.55 0.10 14.72
C LYS A 541 11.29 -1.27 14.09
N ARG A 542 10.10 -1.44 13.51
CA ARG A 542 9.66 -2.70 12.91
C ARG A 542 10.48 -3.11 11.72
N GLY A 543 10.91 -2.15 10.91
CA GLY A 543 11.74 -2.41 9.75
C GLY A 543 13.14 -2.86 10.11
N LEU A 544 13.69 -2.30 11.20
CA LEU A 544 15.04 -2.61 11.70
C LEU A 544 15.15 -3.95 12.43
N ARG A 545 13.99 -4.46 12.87
CA ARG A 545 13.84 -5.70 13.64
C ARG A 545 13.67 -6.95 12.71
N ASN A 546 13.10 -6.74 11.49
CA ASN A 546 12.86 -7.77 10.48
C ASN A 546 13.31 -7.27 9.10
N LYS A 547 14.26 -7.99 8.48
CA LYS A 547 14.81 -7.72 7.15
C LYS A 547 13.69 -7.67 6.09
N ARG A 548 12.78 -8.66 6.13
CA ARG A 548 11.64 -8.77 5.22
C ARG A 548 10.76 -7.46 5.21
N ILE A 549 10.35 -6.95 6.38
CA ILE A 549 9.64 -5.68 6.55
C ILE A 549 10.55 -4.53 6.09
N GLY A 550 11.83 -4.60 6.47
CA GLY A 550 12.83 -3.59 6.13
C GLY A 550 13.05 -3.40 4.65
N HIS A 551 12.96 -4.50 3.88
CA HIS A 551 13.11 -4.53 2.41
C HIS A 551 11.96 -3.75 1.78
N PHE A 552 10.72 -4.15 2.14
CA PHE A 552 9.52 -3.49 1.63
C PHE A 552 9.38 -2.04 2.08
N LEU A 553 9.81 -1.72 3.33
CA LEU A 553 9.84 -0.37 3.91
C LEU A 553 10.68 0.50 3.02
N PHE A 554 11.90 -0.01 2.63
CA PHE A 554 12.82 0.68 1.70
C PHE A 554 12.12 1.07 0.37
N TRP A 555 11.58 0.09 -0.32
CA TRP A 555 10.89 0.26 -1.57
C TRP A 555 9.64 1.12 -1.51
N PHE A 556 8.83 1.03 -0.43
CA PHE A 556 7.61 1.84 -0.25
C PHE A 556 8.03 3.30 0.00
N LEU A 557 9.05 3.51 0.89
CA LEU A 557 9.58 4.84 1.15
C LEU A 557 10.17 5.41 -0.12
N ARG A 558 10.95 4.60 -0.88
CA ARG A 558 11.58 4.98 -2.15
C ARG A 558 10.56 5.34 -3.23
N SER A 559 9.46 4.56 -3.35
CA SER A 559 8.33 4.79 -4.28
C SER A 559 7.81 6.25 -4.22
N GLU A 560 7.63 6.77 -2.99
CA GLU A 560 7.14 8.11 -2.69
C GLU A 560 8.24 9.16 -2.83
N ILE A 561 9.45 8.92 -2.26
CA ILE A 561 10.57 9.87 -2.40
C ILE A 561 10.89 10.21 -3.87
N ALA A 562 10.61 9.28 -4.80
CA ALA A 562 10.89 9.44 -6.22
C ALA A 562 9.79 10.15 -7.02
N GLN A 563 8.56 10.24 -6.47
CA GLN A 563 7.38 10.78 -7.15
C GLN A 563 6.64 11.86 -6.38
N SER A 564 6.78 11.91 -5.07
CA SER A 564 6.05 12.87 -4.26
C SER A 564 6.91 14.04 -3.91
N ARG A 565 6.63 15.19 -4.53
CA ARG A 565 7.38 16.37 -4.13
C ARG A 565 6.83 16.78 -2.74
N HIS A 566 5.52 16.46 -2.50
CA HIS A 566 4.80 16.78 -1.26
C HIS A 566 5.35 16.16 0.02
N TYR A 567 5.92 14.92 -0.09
CA TYR A 567 6.45 14.16 1.06
C TYR A 567 7.85 13.53 0.89
N GLN A 568 8.57 13.83 -0.20
CA GLN A 568 9.89 13.19 -0.40
C GLN A 568 10.89 13.46 0.71
N GLN A 569 10.92 14.71 1.25
CA GLN A 569 11.80 15.16 2.33
C GLN A 569 11.55 14.33 3.56
N ARG A 570 10.30 14.25 4.03
CA ARG A 570 9.90 13.47 5.21
C ARG A 570 10.24 11.98 5.09
N PHE A 571 9.82 11.35 3.98
CA PHE A 571 10.11 9.94 3.75
C PHE A 571 11.63 9.66 3.67
N ALA A 572 12.41 10.60 3.06
CA ALA A 572 13.87 10.55 2.92
C ALA A 572 14.56 10.51 4.28
N VAL A 573 14.09 11.37 5.19
CA VAL A 573 14.62 11.44 6.55
C VAL A 573 14.40 10.10 7.26
N ILE A 574 13.24 9.41 7.01
CA ILE A 574 12.90 8.09 7.59
C ILE A 574 13.67 6.97 6.88
N LEU A 575 13.86 7.08 5.53
CA LEU A 575 14.64 6.09 4.75
C LEU A 575 16.05 6.09 5.24
N GLU A 576 16.70 7.28 5.35
CA GLU A 576 18.06 7.43 5.85
C GLU A 576 18.21 6.77 7.23
N ALA A 577 17.24 7.02 8.13
CA ALA A 577 17.23 6.46 9.49
C ALA A 577 17.26 4.97 9.39
N TYR A 578 16.38 4.38 8.54
CA TYR A 578 16.34 2.93 8.30
C TYR A 578 17.68 2.41 7.78
N LEU A 579 18.20 3.04 6.72
CA LEU A 579 19.46 2.69 6.07
C LEU A 579 20.66 2.79 7.00
N ARG A 580 20.58 3.68 8.01
CA ARG A 580 21.63 3.88 9.00
C ARG A 580 21.71 2.82 10.08
N GLY A 581 20.85 1.80 10.01
CA GLY A 581 20.84 0.74 11.01
C GLY A 581 20.49 -0.65 10.54
N CYS A 582 20.19 -0.81 9.22
CA CYS A 582 19.80 -2.09 8.62
C CYS A 582 20.93 -3.12 8.43
N GLY A 583 22.18 -2.66 8.38
CA GLY A 583 23.34 -3.53 8.19
C GLY A 583 23.98 -3.44 6.81
N THR A 584 25.33 -3.57 6.76
CA THR A 584 26.11 -3.51 5.51
C THR A 584 25.64 -4.56 4.48
N ALA A 585 25.27 -5.77 4.96
CA ALA A 585 24.74 -6.85 4.11
C ALA A 585 23.59 -6.32 3.25
N MET A 586 22.57 -5.72 3.92
CA MET A 586 21.35 -5.13 3.34
C MET A 586 21.65 -3.90 2.54
N LEU A 587 22.56 -3.01 3.03
CA LEU A 587 23.02 -1.79 2.32
C LEU A 587 23.63 -2.16 0.98
N HIS A 588 24.34 -3.29 0.95
CA HIS A 588 24.94 -3.82 -0.25
C HIS A 588 23.88 -4.33 -1.24
N ASP A 589 22.91 -5.15 -0.78
CA ASP A 589 21.82 -5.71 -1.61
C ASP A 589 21.00 -4.60 -2.21
N PHE A 590 20.71 -3.56 -1.40
CA PHE A 590 19.95 -2.37 -1.80
C PHE A 590 20.68 -1.64 -2.89
N THR A 591 22.03 -1.46 -2.73
CA THR A 591 22.92 -0.80 -3.73
C THR A 591 22.74 -1.45 -5.12
N GLN A 592 22.88 -2.81 -5.18
CA GLN A 592 22.72 -3.66 -6.37
C GLN A 592 21.35 -3.54 -7.01
N GLN A 593 20.27 -3.57 -6.19
CA GLN A 593 18.88 -3.45 -6.62
C GLN A 593 18.64 -2.12 -7.32
N VAL A 594 19.11 -1.02 -6.69
CA VAL A 594 18.97 0.35 -7.20
C VAL A 594 19.67 0.46 -8.54
N GLN A 595 20.91 -0.07 -8.65
CA GLN A 595 21.68 -0.04 -9.90
C GLN A 595 21.01 -0.74 -11.06
N VAL A 596 20.55 -1.99 -10.84
CA VAL A 596 19.81 -2.79 -11.81
C VAL A 596 18.56 -2.05 -12.27
N ILE A 597 17.71 -1.60 -11.31
CA ILE A 597 16.46 -0.87 -11.63
C ILE A 597 16.69 0.44 -12.41
N GLU A 598 17.74 1.21 -12.03
CA GLU A 598 18.11 2.46 -12.70
C GLU A 598 18.50 2.22 -14.17
N MET A 599 19.25 1.12 -14.43
CA MET A 599 19.69 0.68 -15.76
C MET A 599 18.50 0.29 -16.64
N LEU A 600 17.64 -0.61 -16.12
CA LEU A 600 16.45 -1.13 -16.77
C LEU A 600 15.38 -0.05 -17.02
N GLN A 601 15.34 1.00 -16.17
CA GLN A 601 14.44 2.14 -16.34
C GLN A 601 14.89 2.91 -17.57
N LYS A 602 16.23 3.10 -17.77
CA LYS A 602 16.78 3.78 -18.94
C LYS A 602 16.33 3.08 -20.22
N VAL A 603 16.53 1.74 -20.30
CA VAL A 603 16.11 0.94 -21.45
C VAL A 603 14.63 1.12 -21.78
N THR A 604 13.72 1.06 -20.78
CA THR A 604 12.27 1.23 -21.01
C THR A 604 11.93 2.58 -21.63
N LEU A 605 12.56 3.66 -21.14
CA LEU A 605 12.35 5.03 -21.65
C LEU A 605 12.90 5.22 -23.05
N ASP A 606 14.13 4.70 -23.30
CA ASP A 606 14.82 4.77 -24.60
C ASP A 606 14.03 4.02 -25.68
N ILE A 607 13.46 2.86 -25.31
CA ILE A 607 12.64 2.01 -26.17
C ILE A 607 11.26 2.62 -26.46
N LYS A 608 10.75 3.47 -25.56
CA LYS A 608 9.45 4.14 -25.76
C LYS A 608 9.52 5.17 -26.92
N SER A 609 10.70 5.82 -27.07
CA SER A 609 11.01 6.82 -28.11
C SER A 609 10.87 6.18 -29.51
N LEU A 610 11.48 5.00 -29.68
CA LEU A 610 11.45 4.20 -30.90
C LEU A 610 10.04 3.57 -30.99
N SER A 611 9.15 4.19 -31.81
CA SER A 611 7.71 3.90 -32.00
C SER A 611 6.93 4.30 -30.73
N ALA A 612 6.39 5.54 -30.74
CA ALA A 612 5.66 6.12 -29.61
C ALA A 612 4.28 5.49 -29.35
N GLU A 613 3.27 5.74 -30.22
CA GLU A 613 1.91 5.21 -30.05
C GLU A 613 1.43 4.21 -31.13
N LYS A 614 2.23 4.02 -32.20
CA LYS A 614 1.92 3.07 -33.27
C LYS A 614 2.21 1.66 -32.76
N TYR A 615 1.19 0.79 -32.78
CA TYR A 615 1.27 -0.58 -32.28
C TYR A 615 1.56 -1.65 -33.34
N ASP A 616 2.78 -2.24 -33.30
CA ASP A 616 3.25 -3.30 -34.21
C ASP A 616 4.52 -3.99 -33.73
N VAL A 617 5.53 -3.20 -33.26
CA VAL A 617 6.84 -3.65 -32.76
C VAL A 617 7.72 -4.23 -33.90
N SER A 618 8.45 -3.33 -34.60
CA SER A 618 9.35 -3.65 -35.71
C SER A 618 10.62 -4.38 -35.24
N SER A 619 11.21 -5.25 -36.11
CA SER A 619 12.44 -6.00 -35.82
C SER A 619 13.64 -5.06 -35.57
N GLN A 620 13.53 -3.80 -36.02
CA GLN A 620 14.53 -2.75 -35.83
C GLN A 620 14.56 -2.39 -34.34
N VAL A 621 13.38 -2.35 -33.69
CA VAL A 621 13.23 -2.08 -32.26
C VAL A 621 13.69 -3.33 -31.46
N ILE A 622 13.28 -4.54 -31.92
CA ILE A 622 13.62 -5.85 -31.34
C ILE A 622 15.14 -6.08 -31.31
N SER A 623 15.86 -5.57 -32.34
CA SER A 623 17.32 -5.66 -32.44
C SER A 623 17.99 -4.70 -31.46
N GLN A 624 17.46 -3.45 -31.35
CA GLN A 624 17.95 -2.41 -30.46
C GLN A 624 17.86 -2.84 -28.99
N LEU A 625 16.71 -3.43 -28.58
CA LEU A 625 16.45 -3.96 -27.23
C LEU A 625 17.44 -5.07 -26.95
N LYS A 626 17.58 -6.03 -27.90
CA LYS A 626 18.50 -7.15 -27.81
C LYS A 626 19.95 -6.69 -27.64
N GLN A 627 20.37 -5.67 -28.43
CA GLN A 627 21.71 -5.09 -28.36
C GLN A 627 21.92 -4.37 -27.03
N LYS A 628 20.96 -3.50 -26.62
CA LYS A 628 20.98 -2.77 -25.34
C LYS A 628 21.09 -3.71 -24.13
N LEU A 629 20.43 -4.88 -24.21
CA LEU A 629 20.47 -5.88 -23.15
C LEU A 629 21.82 -6.58 -23.06
N GLU A 630 22.36 -7.03 -24.23
CA GLU A 630 23.68 -7.67 -24.27
C GLU A 630 24.81 -6.69 -23.98
N ASN A 631 24.60 -5.39 -24.30
CA ASN A 631 25.55 -4.32 -24.01
C ASN A 631 25.66 -4.02 -22.53
N LEU A 632 24.56 -4.21 -21.76
CA LEU A 632 24.54 -3.97 -20.31
C LEU A 632 25.06 -5.15 -19.52
N GLN A 633 24.67 -6.38 -19.94
CA GLN A 633 25.04 -7.67 -19.33
C GLN A 633 26.56 -7.82 -19.22
N ASN A 634 27.27 -7.47 -20.31
CA ASN A 634 28.73 -7.56 -20.46
C ASN A 634 29.59 -6.89 -19.39
N SER A 635 29.46 -5.56 -19.17
CA SER A 635 30.29 -4.83 -18.21
C SER A 635 29.58 -3.85 -17.25
N GLN A 636 28.22 -3.84 -17.24
CA GLN A 636 27.47 -2.91 -16.38
C GLN A 636 26.62 -3.59 -15.28
N LEU A 637 25.60 -4.38 -15.67
CA LEU A 637 24.66 -5.09 -14.77
C LEU A 637 25.36 -6.07 -13.80
N PRO A 638 25.14 -5.94 -12.46
CA PRO A 638 25.79 -6.87 -11.51
C PRO A 638 25.31 -8.31 -11.70
N GLU A 639 26.20 -9.27 -11.35
CA GLU A 639 26.01 -10.72 -11.48
C GLU A 639 24.72 -11.24 -10.87
N SER A 640 24.26 -10.63 -9.75
CA SER A 640 23.03 -11.04 -9.04
C SER A 640 22.38 -9.89 -8.24
N PHE A 641 21.06 -9.74 -8.40
CA PHE A 641 20.25 -8.75 -7.68
C PHE A 641 19.04 -9.38 -7.02
N ARG A 642 18.65 -8.84 -5.86
CA ARG A 642 17.49 -9.31 -5.11
C ARG A 642 16.24 -8.81 -5.81
N VAL A 643 15.22 -9.67 -5.96
CA VAL A 643 13.98 -9.29 -6.64
C VAL A 643 13.17 -8.32 -5.74
N PRO A 644 12.98 -7.03 -6.16
CA PRO A 644 12.32 -6.05 -5.28
C PRO A 644 10.94 -6.41 -4.78
N TYR A 645 10.12 -7.07 -5.62
CA TYR A 645 8.76 -7.46 -5.27
C TYR A 645 8.72 -8.81 -4.53
N ASP A 646 9.88 -9.49 -4.43
CA ASP A 646 10.00 -10.81 -3.77
C ASP A 646 11.44 -10.99 -3.30
N PRO A 647 11.82 -10.42 -2.13
CA PRO A 647 13.22 -10.49 -1.67
C PRO A 647 13.86 -11.86 -1.48
N GLY A 648 13.04 -12.91 -1.39
CA GLY A 648 13.53 -14.28 -1.31
C GLY A 648 14.27 -14.69 -2.58
N LEU A 649 13.71 -14.34 -3.75
CA LEU A 649 14.34 -14.65 -5.04
C LEU A 649 15.45 -13.68 -5.39
N LYS A 650 16.61 -14.25 -5.76
CA LYS A 650 17.78 -13.52 -6.22
C LYS A 650 17.90 -13.81 -7.72
N ALA A 651 17.80 -12.77 -8.55
CA ALA A 651 17.89 -12.86 -10.00
C ALA A 651 19.30 -12.52 -10.48
N GLY A 652 19.81 -13.31 -11.41
CA GLY A 652 21.15 -13.10 -11.94
C GLY A 652 21.17 -12.61 -13.36
N ALA A 653 21.74 -13.45 -14.24
CA ALA A 653 21.91 -13.19 -15.67
C ALA A 653 20.58 -13.07 -16.41
N LEU A 654 20.54 -12.24 -17.47
CA LEU A 654 19.36 -12.08 -18.32
C LEU A 654 19.20 -13.26 -19.27
N ALA A 655 18.14 -13.24 -20.07
CA ALA A 655 17.83 -14.24 -21.08
C ALA A 655 17.23 -13.44 -22.21
N ILE A 656 18.14 -12.89 -23.04
CA ILE A 656 17.82 -12.00 -24.17
C ILE A 656 16.78 -12.58 -25.15
N GLU A 657 16.84 -13.90 -25.36
CA GLU A 657 15.96 -14.67 -26.24
C GLU A 657 14.48 -14.60 -25.83
N LYS A 658 14.23 -14.47 -24.50
CA LYS A 658 12.88 -14.42 -23.97
C LYS A 658 12.40 -12.98 -23.75
N CYS A 659 13.37 -12.03 -23.68
CA CYS A 659 13.18 -10.59 -23.50
C CYS A 659 12.53 -9.98 -24.72
N LYS A 660 11.41 -9.25 -24.55
CA LYS A 660 10.70 -8.62 -25.66
C LYS A 660 10.00 -7.28 -25.35
N VAL A 661 9.86 -6.44 -26.38
CA VAL A 661 9.12 -5.18 -26.26
C VAL A 661 7.68 -5.57 -26.65
N MET A 662 6.64 -4.93 -26.06
CA MET A 662 5.27 -5.35 -26.34
C MET A 662 4.35 -4.37 -27.04
N ALA A 663 3.31 -4.93 -27.68
CA ALA A 663 2.29 -4.28 -28.50
C ALA A 663 1.41 -3.18 -27.89
N SER A 664 1.52 -2.87 -26.57
CA SER A 664 0.69 -1.80 -25.98
C SER A 664 1.17 -0.42 -26.51
N LYS A 665 0.26 0.59 -26.53
CA LYS A 665 0.56 1.98 -26.94
C LYS A 665 1.81 2.46 -26.17
N LYS A 666 1.89 2.13 -24.86
CA LYS A 666 3.06 2.32 -23.99
C LYS A 666 3.90 1.07 -24.24
N LYS A 667 5.18 1.20 -24.61
CA LYS A 667 5.98 0.03 -24.95
C LYS A 667 6.63 -0.63 -23.71
N PRO A 668 6.00 -1.69 -23.16
CA PRO A 668 6.57 -2.31 -21.96
C PRO A 668 7.63 -3.34 -22.27
N LEU A 669 8.60 -3.45 -21.37
CA LEU A 669 9.67 -4.41 -21.47
C LEU A 669 9.27 -5.69 -20.73
N TRP A 670 9.24 -6.83 -21.44
CA TRP A 670 9.01 -8.16 -20.87
C TRP A 670 10.41 -8.68 -20.70
N LEU A 671 10.89 -8.76 -19.45
CA LEU A 671 12.26 -9.17 -19.16
C LEU A 671 12.29 -10.47 -18.38
N GLU A 672 13.05 -11.45 -18.88
CA GLU A 672 13.20 -12.75 -18.24
C GLU A 672 14.64 -12.96 -17.77
N PHE A 673 14.82 -13.48 -16.52
CA PHE A 673 16.12 -13.66 -15.88
C PHE A 673 16.36 -15.08 -15.39
N LYS A 674 17.64 -15.46 -15.35
CA LYS A 674 18.13 -16.73 -14.80
C LYS A 674 18.20 -16.54 -13.28
N CYS A 675 17.73 -17.56 -12.52
CA CYS A 675 17.78 -17.50 -11.06
C CYS A 675 19.21 -17.75 -10.58
N ALA A 676 19.85 -16.68 -10.04
CA ALA A 676 21.22 -16.65 -9.52
C ALA A 676 21.59 -17.83 -8.58
N ASP A 677 20.58 -18.49 -8.02
CA ASP A 677 20.75 -19.59 -7.07
C ASP A 677 21.06 -20.93 -7.77
N PRO A 678 22.20 -21.57 -7.44
CA PRO A 678 22.53 -22.86 -8.09
C PRO A 678 21.69 -24.03 -7.58
N THR A 679 21.15 -23.93 -6.36
CA THR A 679 20.34 -24.96 -5.70
C THR A 679 18.84 -24.88 -6.05
N ALA A 680 18.47 -24.06 -7.06
CA ALA A 680 17.08 -23.89 -7.50
C ALA A 680 16.56 -25.16 -8.20
N LEU A 681 15.59 -25.82 -7.55
CA LEU A 681 14.94 -27.06 -7.99
C LEU A 681 14.37 -27.04 -9.43
N SER A 682 13.97 -25.86 -9.92
CA SER A 682 13.41 -25.69 -11.26
C SER A 682 14.43 -25.09 -12.23
N ASN A 683 13.97 -24.69 -13.43
CA ASN A 683 14.80 -24.03 -14.45
C ASN A 683 14.06 -22.79 -14.95
N GLU A 684 12.87 -22.53 -14.34
CA GLU A 684 11.99 -21.39 -14.64
C GLU A 684 12.71 -20.08 -14.35
N THR A 685 12.55 -19.14 -15.26
CA THR A 685 13.15 -17.83 -15.16
C THR A 685 12.30 -16.95 -14.26
N ILE A 686 12.89 -15.83 -13.84
CA ILE A 686 12.22 -14.79 -13.08
C ILE A 686 11.78 -13.80 -14.17
N GLY A 687 10.49 -13.57 -14.26
CA GLY A 687 9.94 -12.65 -15.23
C GLY A 687 9.50 -11.34 -14.60
N ILE A 688 9.97 -10.24 -15.17
CA ILE A 688 9.67 -8.89 -14.71
C ILE A 688 9.21 -8.02 -15.89
N ILE A 689 8.09 -7.28 -15.74
CA ILE A 689 7.57 -6.34 -16.73
C ILE A 689 7.94 -4.92 -16.32
N PHE A 690 9.00 -4.36 -16.91
CA PHE A 690 9.36 -2.98 -16.67
C PHE A 690 8.52 -2.08 -17.60
N LYS A 691 7.63 -1.27 -17.00
CA LYS A 691 6.72 -0.42 -17.77
C LYS A 691 6.70 1.04 -17.28
N HIS A 692 6.58 1.98 -18.25
CA HIS A 692 6.40 3.43 -18.04
C HIS A 692 5.04 3.75 -18.67
N GLY A 693 4.37 4.76 -18.13
CA GLY A 693 3.09 5.20 -18.66
C GLY A 693 2.12 5.60 -17.58
N ASP A 694 1.79 4.64 -16.70
CA ASP A 694 0.84 4.81 -15.61
C ASP A 694 1.47 4.90 -14.21
N ASP A 695 0.70 5.47 -13.25
CA ASP A 695 1.06 5.56 -11.85
C ASP A 695 0.77 4.18 -11.20
N LEU A 696 1.86 3.42 -10.99
CA LEU A 696 1.87 2.07 -10.42
C LEU A 696 1.64 2.03 -8.91
N ARG A 697 1.61 3.21 -8.26
CA ARG A 697 1.36 3.43 -6.84
C ARG A 697 -0.06 3.02 -6.47
N GLN A 698 -1.03 3.30 -7.37
CA GLN A 698 -2.46 2.94 -7.24
C GLN A 698 -2.59 1.42 -7.31
N ASP A 699 -1.84 0.79 -8.23
CA ASP A 699 -1.83 -0.65 -8.41
C ASP A 699 -1.27 -1.34 -7.18
N MET A 700 -0.23 -0.76 -6.56
CA MET A 700 0.39 -1.26 -5.32
C MET A 700 -0.65 -1.32 -4.20
N LEU A 701 -1.43 -0.24 -4.05
CA LEU A 701 -2.48 -0.12 -3.04
C LEU A 701 -3.60 -1.14 -3.24
N ILE A 702 -4.06 -1.30 -4.51
CA ILE A 702 -5.13 -2.26 -4.89
C ILE A 702 -4.70 -3.69 -4.54
N LEU A 703 -3.46 -4.07 -4.90
CA LEU A 703 -2.90 -5.39 -4.61
C LEU A 703 -2.82 -5.64 -3.10
N GLN A 704 -2.47 -4.60 -2.32
CA GLN A 704 -2.35 -4.76 -0.88
C GLN A 704 -3.70 -5.06 -0.18
N ILE A 705 -4.79 -4.42 -0.63
CA ILE A 705 -6.15 -4.67 -0.12
C ILE A 705 -6.60 -6.09 -0.51
N LEU A 706 -6.18 -6.54 -1.72
CA LEU A 706 -6.44 -7.86 -2.27
C LEU A 706 -5.87 -8.95 -1.35
N ARG A 707 -4.65 -8.74 -0.79
CA ARG A 707 -3.98 -9.64 0.16
C ARG A 707 -4.68 -9.57 1.53
N ILE A 708 -5.21 -8.38 1.91
CA ILE A 708 -5.98 -8.20 3.15
C ILE A 708 -7.33 -8.96 3.07
N MET A 709 -7.92 -9.02 1.87
CA MET A 709 -9.17 -9.75 1.61
C MET A 709 -8.93 -11.26 1.65
N GLU A 710 -7.79 -11.72 1.12
CA GLU A 710 -7.35 -13.11 1.13
C GLU A 710 -7.19 -13.60 2.56
N SER A 711 -6.53 -12.79 3.41
CA SER A 711 -6.36 -13.12 4.82
C SER A 711 -7.70 -13.11 5.60
N ILE A 712 -8.65 -12.19 5.26
CA ILE A 712 -10.00 -12.19 5.87
C ILE A 712 -10.60 -13.55 5.53
N TRP A 713 -10.57 -13.90 4.22
CA TRP A 713 -11.07 -15.19 3.73
C TRP A 713 -10.48 -16.42 4.41
N GLU A 714 -9.19 -16.38 4.80
CA GLU A 714 -8.46 -17.42 5.54
C GLU A 714 -9.11 -17.62 6.95
N THR A 715 -9.55 -16.50 7.60
CA THR A 715 -10.17 -16.52 8.94
C THR A 715 -11.54 -17.26 8.94
N GLU A 716 -12.10 -17.49 7.74
CA GLU A 716 -13.37 -18.16 7.57
C GLU A 716 -13.21 -19.42 6.71
N SER A 717 -11.93 -19.85 6.62
CA SER A 717 -11.44 -21.03 5.89
C SER A 717 -11.82 -21.08 4.38
N LEU A 718 -11.88 -19.89 3.77
CA LEU A 718 -12.11 -19.68 2.35
C LEU A 718 -10.77 -19.36 1.65
N ASP A 719 -10.59 -19.89 0.44
CA ASP A 719 -9.43 -19.66 -0.41
C ASP A 719 -10.00 -19.37 -1.80
N LEU A 720 -9.98 -18.08 -2.18
CA LEU A 720 -10.56 -17.58 -3.42
C LEU A 720 -9.50 -17.45 -4.52
N CYS A 721 -8.41 -18.23 -4.39
CA CYS A 721 -7.27 -18.32 -5.30
C CYS A 721 -6.96 -17.02 -6.04
N LEU A 722 -6.74 -15.92 -5.32
CA LEU A 722 -6.40 -14.66 -5.97
C LEU A 722 -4.93 -14.73 -6.36
N LEU A 723 -4.49 -13.79 -7.21
CA LEU A 723 -3.09 -13.69 -7.56
C LEU A 723 -2.70 -12.24 -7.41
N PRO A 724 -2.37 -11.80 -6.16
CA PRO A 724 -1.96 -10.40 -5.96
C PRO A 724 -0.49 -10.34 -6.30
N TYR A 725 -0.21 -10.23 -7.61
CA TYR A 725 1.14 -10.22 -8.18
C TYR A 725 2.01 -9.07 -7.64
N GLY A 726 3.33 -9.27 -7.73
CA GLY A 726 4.33 -8.28 -7.37
C GLY A 726 4.22 -7.05 -8.27
N CYS A 727 4.33 -5.88 -7.65
CA CYS A 727 4.19 -4.57 -8.30
C CYS A 727 4.82 -3.54 -7.40
N ILE A 728 5.82 -2.83 -7.91
CA ILE A 728 6.55 -1.80 -7.17
C ILE A 728 6.71 -0.58 -8.07
N SER A 729 6.31 0.61 -7.58
CA SER A 729 6.51 1.87 -8.31
C SER A 729 7.92 2.27 -7.99
N THR A 730 8.75 2.44 -9.02
CA THR A 730 10.18 2.78 -8.88
C THR A 730 10.51 4.28 -9.00
N GLY A 731 9.74 4.99 -9.82
CA GLY A 731 9.88 6.42 -10.08
C GLY A 731 8.69 6.97 -10.85
N ASP A 732 8.79 8.23 -11.38
CA ASP A 732 7.71 8.90 -12.12
C ASP A 732 7.02 8.12 -13.28
N LYS A 733 5.83 7.59 -12.98
CA LYS A 733 4.97 6.78 -13.87
C LYS A 733 5.68 5.52 -14.43
N ILE A 734 6.74 5.07 -13.75
CA ILE A 734 7.53 3.91 -14.12
C ILE A 734 7.50 2.88 -12.95
N GLY A 735 7.69 1.60 -13.26
CA GLY A 735 7.71 0.54 -12.27
C GLY A 735 7.92 -0.86 -12.81
N MET A 736 7.79 -1.85 -11.94
CA MET A 736 7.94 -3.25 -12.33
C MET A 736 6.76 -4.07 -11.90
N ILE A 737 6.32 -4.93 -12.81
CA ILE A 737 5.23 -5.88 -12.62
C ILE A 737 5.85 -7.29 -12.63
N GLU A 738 5.30 -8.21 -11.82
CA GLU A 738 5.76 -9.59 -11.77
C GLU A 738 5.16 -10.35 -12.94
N ILE A 739 5.96 -11.20 -13.63
CA ILE A 739 5.39 -12.04 -14.69
C ILE A 739 4.87 -13.37 -14.09
N VAL A 740 3.54 -13.55 -14.13
CA VAL A 740 2.86 -14.78 -13.71
C VAL A 740 3.08 -15.81 -14.84
N LYS A 741 3.74 -16.95 -14.51
CA LYS A 741 4.07 -17.99 -15.50
C LYS A 741 2.80 -18.69 -16.07
N ASP A 742 2.91 -19.19 -17.33
CA ASP A 742 1.86 -19.89 -18.08
C ASP A 742 0.50 -19.19 -18.08
N ALA A 743 0.49 -17.87 -18.30
CA ALA A 743 -0.74 -17.09 -18.31
C ALA A 743 -0.95 -16.32 -19.61
N THR A 744 -2.21 -16.09 -19.95
CA THR A 744 -2.64 -15.41 -21.17
C THR A 744 -3.78 -14.49 -20.81
N THR A 745 -3.92 -13.42 -21.58
CA THR A 745 -5.01 -12.48 -21.45
C THR A 745 -6.33 -13.16 -21.93
N ILE A 746 -7.47 -12.75 -21.36
CA ILE A 746 -8.79 -13.26 -21.72
C ILE A 746 -9.15 -12.87 -23.17
N ALA A 747 -8.74 -11.66 -23.62
CA ALA A 747 -8.94 -11.16 -24.98
C ALA A 747 -8.10 -11.95 -26.00
N LYS A 748 -6.84 -12.30 -25.64
CA LYS A 748 -5.90 -13.10 -26.46
C LYS A 748 -6.50 -14.48 -26.82
N ILE A 749 -7.22 -15.12 -25.86
CA ILE A 749 -7.86 -16.43 -26.05
C ILE A 749 -9.04 -16.34 -27.05
N GLN A 750 -9.89 -15.27 -26.94
CA GLN A 750 -11.03 -15.01 -27.85
C GLN A 750 -10.48 -14.69 -29.26
N GLN A 751 -9.44 -13.82 -29.31
CA GLN A 751 -8.72 -13.35 -30.49
C GLN A 751 -8.16 -14.50 -31.35
N SER A 752 -7.47 -15.48 -30.71
CA SER A 752 -6.79 -16.64 -31.32
C SER A 752 -7.56 -17.44 -32.38
N THR A 753 -8.86 -17.71 -32.13
CA THR A 753 -9.74 -18.45 -33.06
C THR A 753 -10.39 -17.46 -34.08
N VAL A 754 -9.70 -16.33 -34.34
CA VAL A 754 -10.09 -15.21 -35.21
C VAL A 754 -11.42 -14.49 -34.77
N GLY A 755 -12.10 -13.80 -35.67
CA GLY A 755 -13.32 -13.04 -35.37
C GLY A 755 -12.99 -11.61 -35.01
N ASN A 756 -12.08 -11.43 -34.02
CA ASN A 756 -11.54 -10.17 -33.51
C ASN A 756 -12.56 -9.04 -33.27
N THR A 757 -12.98 -8.32 -34.36
CA THR A 757 -13.89 -7.17 -34.36
C THR A 757 -15.23 -7.38 -33.60
N GLY A 758 -15.12 -7.37 -32.27
CA GLY A 758 -16.22 -7.54 -31.33
C GLY A 758 -16.82 -8.93 -31.22
N ALA A 759 -16.36 -9.88 -32.07
CA ALA A 759 -16.86 -11.25 -32.12
C ALA A 759 -16.32 -12.05 -30.94
N PHE A 760 -17.23 -12.62 -30.13
CA PHE A 760 -16.86 -13.39 -28.95
C PHE A 760 -17.60 -14.71 -28.87
N LYS A 761 -16.88 -15.84 -28.88
CA LYS A 761 -17.48 -17.15 -28.72
C LYS A 761 -17.36 -17.62 -27.27
N ASP A 762 -18.50 -18.11 -26.75
CA ASP A 762 -18.70 -18.61 -25.38
C ASP A 762 -17.89 -19.89 -25.04
N GLU A 763 -17.46 -20.64 -26.06
CA GLU A 763 -16.80 -21.93 -25.89
C GLU A 763 -15.27 -21.94 -25.81
N VAL A 764 -14.60 -20.91 -26.37
CA VAL A 764 -13.13 -20.85 -26.48
C VAL A 764 -12.36 -21.07 -25.16
N LEU A 765 -12.82 -20.42 -24.07
CA LEU A 765 -12.20 -20.52 -22.74
C LEU A 765 -12.13 -21.98 -22.25
N ASN A 766 -13.25 -22.72 -22.48
CA ASN A 766 -13.38 -24.12 -22.12
C ASN A 766 -12.41 -25.00 -22.91
N HIS A 767 -12.28 -24.72 -24.23
CA HIS A 767 -11.38 -25.46 -25.13
C HIS A 767 -9.93 -25.13 -24.80
N TRP A 768 -9.66 -23.83 -24.47
CA TRP A 768 -8.33 -23.36 -24.08
C TRP A 768 -7.89 -24.09 -22.83
N LEU A 769 -8.81 -24.28 -21.87
CA LEU A 769 -8.50 -25.01 -20.65
C LEU A 769 -8.21 -26.50 -20.91
N LYS A 770 -9.10 -27.20 -21.66
CA LYS A 770 -8.95 -28.61 -22.01
C LYS A 770 -7.65 -28.88 -22.77
N GLU A 771 -7.33 -28.00 -23.76
CA GLU A 771 -6.12 -28.04 -24.59
C GLU A 771 -4.85 -27.88 -23.74
N LYS A 772 -4.88 -26.96 -22.76
CA LYS A 772 -3.74 -26.65 -21.89
C LYS A 772 -3.51 -27.63 -20.74
N SER A 773 -4.52 -28.49 -20.46
CA SER A 773 -4.46 -29.53 -19.42
C SER A 773 -4.21 -30.96 -19.99
N PRO A 774 -3.04 -31.56 -19.67
CA PRO A 774 -2.70 -32.89 -20.23
C PRO A 774 -3.64 -34.06 -19.91
N THR A 775 -4.26 -34.06 -18.72
CA THR A 775 -5.18 -35.12 -18.25
C THR A 775 -6.57 -34.52 -17.93
N GLU A 776 -7.63 -35.34 -17.86
CA GLU A 776 -8.96 -34.80 -17.51
C GLU A 776 -9.11 -34.54 -15.98
N GLU A 777 -8.03 -34.80 -15.21
CA GLU A 777 -7.99 -34.53 -13.77
C GLU A 777 -7.51 -33.09 -13.65
N LYS A 778 -6.40 -32.80 -14.37
CA LYS A 778 -5.78 -31.49 -14.48
C LYS A 778 -6.81 -30.49 -15.04
N PHE A 779 -7.70 -30.95 -15.94
CA PHE A 779 -8.77 -30.11 -16.52
C PHE A 779 -9.82 -29.78 -15.45
N GLN A 780 -10.32 -30.77 -14.73
CA GLN A 780 -11.33 -30.55 -13.71
C GLN A 780 -10.83 -29.72 -12.52
N ALA A 781 -9.52 -29.88 -12.18
CA ALA A 781 -8.83 -29.13 -11.13
C ALA A 781 -8.73 -27.66 -11.56
N ALA A 782 -8.54 -27.41 -12.88
CA ALA A 782 -8.47 -26.08 -13.49
C ALA A 782 -9.85 -25.40 -13.50
N VAL A 783 -10.94 -26.17 -13.63
CA VAL A 783 -12.31 -25.62 -13.62
C VAL A 783 -12.63 -25.27 -12.17
N GLU A 784 -12.08 -26.06 -11.23
CA GLU A 784 -12.20 -25.87 -9.78
C GLU A 784 -11.45 -24.56 -9.41
N ARG A 785 -10.21 -24.41 -9.94
CA ARG A 785 -9.35 -23.24 -9.80
C ARG A 785 -10.02 -21.99 -10.39
N PHE A 786 -10.71 -22.15 -11.55
CA PHE A 786 -11.43 -21.07 -12.21
C PHE A 786 -12.62 -20.62 -11.40
N VAL A 787 -13.42 -21.56 -10.87
CA VAL A 787 -14.63 -21.25 -10.10
C VAL A 787 -14.31 -20.35 -8.91
N TYR A 788 -13.29 -20.76 -8.10
CA TYR A 788 -12.83 -20.05 -6.91
C TYR A 788 -12.23 -18.68 -7.21
N SER A 789 -11.25 -18.64 -8.15
CA SER A 789 -10.56 -17.41 -8.58
C SER A 789 -11.53 -16.43 -9.18
N CYS A 790 -12.50 -16.93 -10.00
CA CYS A 790 -13.55 -16.12 -10.61
C CYS A 790 -14.39 -15.47 -9.54
N ALA A 791 -14.92 -16.25 -8.59
CA ALA A 791 -15.74 -15.76 -7.47
C ALA A 791 -14.99 -14.69 -6.64
N GLY A 792 -13.69 -14.93 -6.43
CA GLY A 792 -12.79 -14.05 -5.69
C GLY A 792 -12.65 -12.69 -6.32
N TYR A 793 -12.28 -12.68 -7.61
CA TYR A 793 -12.16 -11.43 -8.36
C TYR A 793 -13.45 -10.73 -8.53
N CYS A 794 -14.56 -11.46 -8.62
CA CYS A 794 -15.88 -10.85 -8.77
C CYS A 794 -16.28 -10.05 -7.53
N VAL A 795 -16.00 -10.60 -6.32
CA VAL A 795 -16.34 -9.95 -5.05
C VAL A 795 -15.43 -8.74 -4.76
N ALA A 796 -14.09 -9.00 -4.75
CA ALA A 796 -13.02 -8.03 -4.52
C ALA A 796 -13.23 -6.83 -5.45
N THR A 797 -13.30 -7.12 -6.76
CA THR A 797 -13.50 -6.18 -7.84
C THR A 797 -14.73 -5.30 -7.60
N PHE A 798 -15.91 -5.90 -7.41
CA PHE A 798 -17.17 -5.18 -7.11
C PHE A 798 -17.05 -4.29 -5.87
N VAL A 799 -16.44 -4.79 -4.78
CA VAL A 799 -16.31 -4.07 -3.50
C VAL A 799 -15.43 -2.80 -3.63
N LEU A 800 -14.31 -2.92 -4.33
CA LEU A 800 -13.37 -1.82 -4.57
C LEU A 800 -13.74 -0.93 -5.75
N GLY A 801 -14.88 -1.23 -6.42
CA GLY A 801 -15.40 -0.47 -7.56
C GLY A 801 -14.68 -0.56 -8.89
N ILE A 802 -13.71 -1.45 -8.99
CA ILE A 802 -12.89 -1.72 -10.17
C ILE A 802 -13.41 -3.01 -10.90
N GLY A 803 -14.73 -3.21 -10.82
CA GLY A 803 -15.46 -4.35 -11.40
C GLY A 803 -15.53 -4.37 -12.90
N ASP A 804 -16.10 -3.29 -13.49
CA ASP A 804 -16.28 -3.08 -14.93
C ASP A 804 -14.92 -2.98 -15.67
N ARG A 805 -14.47 -4.11 -16.23
CA ARG A 805 -13.18 -4.22 -16.90
C ARG A 805 -13.28 -4.73 -18.35
N HIS A 806 -12.20 -4.49 -19.13
CA HIS A 806 -11.97 -4.88 -20.52
C HIS A 806 -11.33 -6.28 -20.50
N ASN A 807 -11.67 -7.18 -21.45
CA ASN A 807 -11.13 -8.56 -21.60
C ASN A 807 -9.60 -8.59 -21.54
N ASP A 808 -9.02 -7.58 -22.19
CA ASP A 808 -7.63 -7.14 -22.36
C ASP A 808 -6.89 -7.14 -20.99
N ASN A 809 -7.63 -6.73 -19.93
CA ASN A 809 -7.21 -6.55 -18.55
C ASN A 809 -7.58 -7.64 -17.53
N ILE A 810 -8.01 -8.82 -18.01
CA ILE A 810 -8.32 -10.02 -17.22
C ILE A 810 -7.48 -11.12 -17.84
N MET A 811 -6.75 -11.82 -17.01
CA MET A 811 -5.88 -12.89 -17.44
C MET A 811 -6.31 -14.21 -16.76
N ILE A 812 -5.74 -15.35 -17.25
CA ILE A 812 -5.98 -16.69 -16.74
C ILE A 812 -4.72 -17.53 -16.90
N THR A 813 -4.38 -18.36 -15.90
CA THR A 813 -3.23 -19.25 -16.02
C THR A 813 -3.68 -20.52 -16.76
N GLU A 814 -2.71 -21.28 -17.31
CA GLU A 814 -2.95 -22.54 -18.00
C GLU A 814 -3.60 -23.54 -17.05
N THR A 815 -3.54 -23.25 -15.74
CA THR A 815 -4.02 -24.06 -14.63
C THR A 815 -5.38 -23.60 -14.04
N GLY A 816 -6.13 -22.80 -14.78
CA GLY A 816 -7.46 -22.34 -14.40
C GLY A 816 -7.54 -21.08 -13.55
N ASN A 817 -6.44 -20.70 -12.86
CA ASN A 817 -6.38 -19.52 -12.01
C ASN A 817 -6.54 -18.21 -12.78
N LEU A 818 -7.70 -17.57 -12.60
CA LEU A 818 -8.05 -16.29 -13.21
C LEU A 818 -7.46 -15.15 -12.35
N PHE A 819 -7.17 -13.99 -12.95
CA PHE A 819 -6.67 -12.77 -12.28
C PHE A 819 -6.80 -11.49 -13.10
N HIS A 820 -7.32 -10.42 -12.48
CA HIS A 820 -7.38 -9.08 -13.08
C HIS A 820 -5.99 -8.48 -13.02
N ILE A 821 -5.69 -7.58 -13.94
CA ILE A 821 -4.41 -6.86 -13.98
C ILE A 821 -4.69 -5.39 -14.22
N ASP A 822 -3.64 -4.60 -14.24
CA ASP A 822 -3.59 -3.18 -14.57
C ASP A 822 -4.73 -2.34 -14.05
N PHE A 823 -4.68 -2.00 -12.78
CA PHE A 823 -5.74 -1.18 -12.22
C PHE A 823 -5.40 0.31 -12.37
N GLY A 824 -4.70 0.65 -13.45
CA GLY A 824 -4.33 2.01 -13.77
C GLY A 824 -5.60 2.74 -14.20
N HIS A 825 -6.09 3.64 -13.30
CA HIS A 825 -7.26 4.49 -13.44
C HIS A 825 -8.54 3.74 -13.83
N GLU A 839 -22.75 1.41 -21.19
CA GLU A 839 -23.44 0.74 -20.09
C GLU A 839 -22.48 0.20 -19.04
N ARG A 840 -22.98 0.03 -17.80
CA ARG A 840 -22.18 -0.41 -16.66
C ARG A 840 -22.56 -1.76 -16.03
N VAL A 841 -21.59 -2.70 -16.05
CA VAL A 841 -21.68 -4.05 -15.49
C VAL A 841 -20.95 -4.08 -14.11
N PRO A 842 -21.54 -4.64 -13.01
CA PRO A 842 -20.86 -4.59 -11.69
C PRO A 842 -19.49 -5.28 -11.59
N PHE A 843 -19.25 -6.29 -12.44
CA PHE A 843 -18.00 -7.06 -12.52
C PHE A 843 -17.92 -7.85 -13.83
N VAL A 844 -16.81 -8.54 -14.08
CA VAL A 844 -16.65 -9.30 -15.32
C VAL A 844 -16.97 -10.79 -15.16
N LEU A 845 -18.23 -11.12 -15.41
CA LEU A 845 -18.74 -12.48 -15.42
C LEU A 845 -19.46 -12.59 -16.76
N THR A 846 -18.69 -12.97 -17.80
CA THR A 846 -19.17 -13.07 -19.18
C THR A 846 -19.59 -14.50 -19.61
N PRO A 847 -20.40 -14.64 -20.69
CA PRO A 847 -20.83 -15.98 -21.13
C PRO A 847 -19.73 -17.03 -21.35
N ASP A 848 -18.48 -16.60 -21.62
CA ASP A 848 -17.35 -17.52 -21.82
C ASP A 848 -16.89 -18.15 -20.51
N PHE A 849 -17.01 -17.39 -19.40
CA PHE A 849 -16.66 -17.75 -18.01
C PHE A 849 -17.72 -18.72 -17.54
N LEU A 850 -19.00 -18.33 -17.70
CA LEU A 850 -20.20 -19.10 -17.35
C LEU A 850 -20.26 -20.45 -18.06
N PHE A 851 -19.71 -20.52 -19.31
CA PHE A 851 -19.65 -21.76 -20.09
C PHE A 851 -18.66 -22.77 -19.47
N VAL A 852 -17.54 -22.28 -18.92
CA VAL A 852 -16.54 -23.12 -18.22
C VAL A 852 -17.25 -23.67 -16.96
N MET A 853 -18.16 -22.86 -16.37
CA MET A 853 -18.97 -23.21 -15.21
C MET A 853 -20.06 -24.22 -15.60
N GLY A 854 -20.16 -24.50 -16.90
CA GLY A 854 -21.11 -25.44 -17.46
C GLY A 854 -22.25 -24.73 -18.15
N THR A 855 -23.01 -23.92 -17.35
CA THR A 855 -24.20 -23.13 -17.70
C THR A 855 -24.16 -22.43 -19.06
N SER A 856 -25.27 -22.51 -19.80
CA SER A 856 -25.44 -21.92 -21.12
C SER A 856 -26.72 -21.08 -21.09
N GLY A 857 -26.54 -19.75 -21.03
CA GLY A 857 -27.64 -18.79 -20.94
C GLY A 857 -28.33 -18.82 -19.59
N LYS A 858 -29.52 -18.16 -19.51
CA LYS A 858 -30.36 -18.07 -18.30
C LYS A 858 -30.87 -19.46 -17.86
N LYS A 859 -29.99 -20.22 -17.19
CA LYS A 859 -30.21 -21.58 -16.70
C LYS A 859 -29.66 -21.70 -15.25
N THR A 860 -28.99 -22.83 -14.91
CA THR A 860 -28.34 -23.17 -13.63
C THR A 860 -27.51 -24.44 -13.81
N SER A 861 -26.51 -24.66 -12.95
CA SER A 861 -25.64 -25.85 -13.03
C SER A 861 -24.92 -26.13 -11.68
N PRO A 862 -24.32 -27.33 -11.47
CA PRO A 862 -23.62 -27.61 -10.20
C PRO A 862 -22.44 -26.67 -9.91
N HIS A 863 -21.62 -26.34 -10.95
CA HIS A 863 -20.46 -25.45 -10.79
C HIS A 863 -20.84 -23.97 -10.62
N PHE A 864 -21.99 -23.55 -11.18
CA PHE A 864 -22.51 -22.18 -11.04
C PHE A 864 -23.15 -22.00 -9.68
N GLN A 865 -23.78 -23.07 -9.13
CA GLN A 865 -24.39 -23.07 -7.80
C GLN A 865 -23.27 -22.88 -6.80
N LYS A 866 -22.15 -23.60 -7.04
CA LYS A 866 -20.91 -23.53 -6.28
C LYS A 866 -20.41 -22.07 -6.34
N PHE A 867 -20.13 -21.56 -7.58
CA PHE A 867 -19.70 -20.19 -7.81
C PHE A 867 -20.57 -19.15 -7.05
N GLN A 868 -21.92 -19.23 -7.20
CA GLN A 868 -22.89 -18.36 -6.53
C GLN A 868 -22.76 -18.48 -5.01
N ASP A 869 -22.57 -19.72 -4.52
CA ASP A 869 -22.42 -20.02 -3.09
C ASP A 869 -21.13 -19.40 -2.53
N ILE A 870 -19.98 -19.59 -3.23
CA ILE A 870 -18.69 -19.04 -2.85
C ILE A 870 -18.69 -17.51 -2.81
N CYS A 871 -19.38 -16.83 -3.76
CA CYS A 871 -19.55 -15.36 -3.82
C CYS A 871 -20.21 -14.84 -2.55
N VAL A 872 -21.29 -15.51 -2.12
CA VAL A 872 -22.08 -15.16 -0.94
C VAL A 872 -21.29 -15.32 0.36
N LYS A 873 -20.51 -16.41 0.47
CA LYS A 873 -19.65 -16.63 1.63
C LYS A 873 -18.55 -15.56 1.67
N ALA A 874 -17.91 -15.29 0.51
CA ALA A 874 -16.83 -14.31 0.32
C ALA A 874 -17.30 -12.91 0.62
N TYR A 875 -18.46 -12.51 0.06
CA TYR A 875 -19.08 -11.21 0.24
C TYR A 875 -19.45 -11.00 1.69
N LEU A 876 -20.04 -12.03 2.33
CA LEU A 876 -20.41 -11.92 3.72
C LEU A 876 -19.17 -11.80 4.61
N ALA A 877 -18.11 -12.63 4.32
CA ALA A 877 -16.81 -12.61 5.00
C ALA A 877 -16.21 -11.21 4.96
N LEU A 878 -16.38 -10.47 3.83
CA LEU A 878 -15.87 -9.09 3.71
C LEU A 878 -16.68 -8.16 4.60
N ARG A 879 -18.01 -8.31 4.56
CA ARG A 879 -18.96 -7.52 5.34
C ARG A 879 -18.72 -7.64 6.86
N HIS A 880 -18.13 -8.77 7.34
CA HIS A 880 -17.83 -8.92 8.77
C HIS A 880 -16.76 -7.91 9.23
N HIS A 881 -15.98 -7.43 8.27
CA HIS A 881 -14.91 -6.47 8.46
C HIS A 881 -15.18 -5.19 7.67
N THR A 882 -16.45 -4.71 7.65
CA THR A 882 -16.85 -3.50 6.93
C THR A 882 -15.94 -2.30 7.24
N ASN A 883 -15.81 -1.95 8.53
CA ASN A 883 -15.01 -0.82 8.99
C ASN A 883 -13.55 -0.84 8.58
N LEU A 884 -12.92 -2.03 8.61
CA LEU A 884 -11.54 -2.23 8.21
C LEU A 884 -11.43 -1.77 6.75
N LEU A 885 -12.23 -2.41 5.86
CA LEU A 885 -12.28 -2.08 4.44
C LEU A 885 -12.61 -0.62 4.15
N ILE A 886 -13.60 -0.06 4.85
CA ILE A 886 -14.03 1.34 4.72
C ILE A 886 -12.84 2.26 4.99
N ILE A 887 -12.02 1.96 6.02
CA ILE A 887 -10.88 2.83 6.32
C ILE A 887 -9.74 2.71 5.32
N LEU A 888 -9.34 1.50 4.95
CA LEU A 888 -8.28 1.27 3.96
C LEU A 888 -8.67 1.92 2.65
N PHE A 889 -9.92 1.69 2.18
CA PHE A 889 -10.48 2.29 0.96
C PHE A 889 -10.26 3.80 0.96
N SER A 890 -10.80 4.47 2.00
CA SER A 890 -10.75 5.90 2.28
C SER A 890 -9.32 6.39 2.23
N MET A 891 -8.44 5.70 2.98
CA MET A 891 -7.01 5.99 3.03
C MET A 891 -6.33 5.87 1.67
N MET A 892 -6.58 4.77 0.97
CA MET A 892 -6.06 4.47 -0.36
C MET A 892 -6.38 5.58 -1.32
N LEU A 893 -7.64 6.10 -1.30
CA LEU A 893 -8.03 7.21 -2.19
C LEU A 893 -7.36 8.53 -1.81
N MET A 894 -7.10 8.76 -0.52
CA MET A 894 -6.50 10.00 -0.05
C MET A 894 -4.99 10.07 -0.30
N THR A 895 -4.30 8.92 -0.22
CA THR A 895 -2.84 8.81 -0.37
C THR A 895 -2.35 8.25 -1.72
N GLY A 896 -3.23 7.72 -2.57
CA GLY A 896 -2.80 7.09 -3.82
C GLY A 896 -3.32 7.64 -5.14
N MET A 897 -4.61 8.04 -5.16
CA MET A 897 -5.36 8.56 -6.31
C MET A 897 -5.20 10.11 -6.47
N PRO A 898 -5.79 10.75 -7.54
CA PRO A 898 -5.70 12.24 -7.62
C PRO A 898 -6.76 12.90 -6.70
N GLN A 899 -7.63 13.79 -7.24
CA GLN A 899 -8.67 14.47 -6.47
C GLN A 899 -9.88 13.54 -6.24
N LEU A 900 -10.39 13.57 -4.98
CA LEU A 900 -11.45 12.70 -4.49
C LEU A 900 -12.39 13.37 -3.50
N THR A 901 -13.68 13.09 -3.68
CA THR A 901 -14.81 13.56 -2.88
C THR A 901 -14.76 12.91 -1.50
N SER A 902 -14.62 13.75 -0.44
CA SER A 902 -14.57 13.33 0.98
C SER A 902 -15.94 12.79 1.47
N LYS A 903 -16.62 12.13 0.55
CA LYS A 903 -17.91 11.50 0.71
C LYS A 903 -18.10 10.62 -0.50
N GLU A 904 -18.73 11.15 -1.58
CA GLU A 904 -19.08 10.47 -2.83
C GLU A 904 -18.23 9.26 -3.15
N ASP A 905 -16.96 9.50 -3.58
CA ASP A 905 -15.98 8.50 -3.97
C ASP A 905 -15.77 7.45 -2.91
N ILE A 906 -15.57 7.89 -1.66
CA ILE A 906 -15.35 7.03 -0.50
C ILE A 906 -16.57 6.21 -0.10
N GLU A 907 -17.77 6.84 -0.11
CA GLU A 907 -19.05 6.20 0.25
C GLU A 907 -19.44 5.12 -0.68
N TYR A 908 -18.72 4.97 -1.81
CA TYR A 908 -18.96 3.88 -2.73
C TYR A 908 -18.90 2.58 -1.96
N ILE A 909 -17.75 2.30 -1.26
CA ILE A 909 -17.53 1.05 -0.50
C ILE A 909 -18.66 0.67 0.44
N ARG A 910 -19.16 1.64 1.25
CA ARG A 910 -20.25 1.48 2.22
C ARG A 910 -21.48 0.92 1.51
N ASP A 911 -21.89 1.61 0.42
CA ASP A 911 -23.02 1.26 -0.45
C ASP A 911 -22.78 -0.12 -1.07
N ALA A 912 -21.57 -0.38 -1.61
CA ALA A 912 -21.16 -1.65 -2.18
C ALA A 912 -21.08 -2.78 -1.14
N LEU A 913 -20.70 -2.45 0.13
CA LEU A 913 -20.61 -3.42 1.22
C LEU A 913 -21.98 -3.59 1.90
N THR A 914 -22.98 -2.85 1.38
CA THR A 914 -24.37 -2.84 1.83
C THR A 914 -24.52 -2.78 3.36
N VAL A 915 -24.02 -1.68 3.91
CA VAL A 915 -24.01 -1.34 5.33
C VAL A 915 -25.44 -1.28 5.89
N GLY A 916 -25.61 -1.82 7.10
CA GLY A 916 -26.87 -1.82 7.83
C GLY A 916 -27.77 -3.01 7.58
N LYS A 917 -27.78 -3.54 6.34
CA LYS A 917 -28.61 -4.68 5.96
C LYS A 917 -28.19 -6.03 6.54
N ASN A 918 -29.18 -6.93 6.73
CA ASN A 918 -29.01 -8.27 7.27
C ASN A 918 -28.35 -9.19 6.24
N GLU A 919 -27.78 -10.31 6.72
CA GLU A 919 -27.07 -11.33 5.95
C GLU A 919 -27.88 -11.96 4.80
N GLU A 920 -29.23 -11.89 4.85
CA GLU A 920 -30.09 -12.43 3.79
C GLU A 920 -30.29 -11.43 2.66
N ASP A 921 -30.54 -10.14 3.01
CA ASP A 921 -30.74 -9.02 2.06
C ASP A 921 -29.46 -8.72 1.26
N ALA A 922 -28.30 -8.94 1.90
CA ALA A 922 -26.95 -8.80 1.36
C ALA A 922 -26.70 -9.90 0.31
N LYS A 923 -27.02 -11.18 0.65
CA LYS A 923 -26.88 -12.36 -0.23
C LYS A 923 -27.74 -12.17 -1.49
N LYS A 924 -28.99 -11.70 -1.31
CA LYS A 924 -29.93 -11.43 -2.40
C LYS A 924 -29.28 -10.45 -3.39
N TYR A 925 -28.83 -9.27 -2.88
CA TYR A 925 -28.14 -8.18 -3.60
C TYR A 925 -26.97 -8.71 -4.43
N PHE A 926 -26.10 -9.53 -3.82
CA PHE A 926 -24.99 -10.10 -4.58
C PHE A 926 -25.43 -11.06 -5.68
N LEU A 927 -26.51 -11.81 -5.43
CA LEU A 927 -27.03 -12.74 -6.42
C LEU A 927 -27.78 -11.99 -7.54
N ASP A 928 -28.33 -10.78 -7.22
CA ASP A 928 -28.96 -9.88 -8.18
C ASP A 928 -27.85 -9.37 -9.14
N GLN A 929 -26.70 -8.93 -8.55
CA GLN A 929 -25.50 -8.45 -9.26
C GLN A 929 -25.04 -9.48 -10.26
N ILE A 930 -24.91 -10.77 -9.84
CA ILE A 930 -24.51 -11.90 -10.68
C ILE A 930 -25.41 -11.95 -11.90
N GLU A 931 -26.74 -11.86 -11.67
CA GLU A 931 -27.73 -11.88 -12.75
C GLU A 931 -27.61 -10.71 -13.73
N VAL A 932 -27.25 -9.49 -13.26
CA VAL A 932 -27.05 -8.32 -14.13
C VAL A 932 -25.98 -8.64 -15.20
N CYS A 933 -24.87 -9.28 -14.76
CA CYS A 933 -23.73 -9.72 -15.61
C CYS A 933 -24.14 -10.80 -16.61
N ARG A 934 -25.09 -11.66 -16.21
CA ARG A 934 -25.67 -12.74 -16.99
C ARG A 934 -26.57 -12.15 -18.10
N ASP A 935 -27.49 -11.25 -17.70
CA ASP A 935 -28.45 -10.55 -18.57
C ASP A 935 -27.76 -9.85 -19.73
N LYS A 936 -26.79 -8.98 -19.40
CA LYS A 936 -26.02 -8.18 -20.35
C LYS A 936 -25.02 -8.99 -21.19
N GLY A 937 -24.57 -10.12 -20.69
CA GLY A 937 -23.64 -10.98 -21.39
C GLY A 937 -22.42 -10.25 -21.93
N TRP A 938 -22.36 -10.08 -23.26
CA TRP A 938 -21.25 -9.43 -23.98
C TRP A 938 -21.49 -7.97 -24.29
N THR A 939 -22.68 -7.42 -23.95
CA THR A 939 -23.08 -6.01 -24.16
C THR A 939 -21.91 -5.04 -23.96
N VAL A 940 -21.30 -5.06 -22.74
CA VAL A 940 -20.19 -4.18 -22.35
C VAL A 940 -18.89 -4.57 -23.01
N GLN A 941 -18.61 -5.89 -23.11
CA GLN A 941 -17.39 -6.38 -23.77
C GLN A 941 -17.27 -5.90 -25.21
N PHE A 942 -18.37 -6.04 -25.98
CA PHE A 942 -18.50 -5.56 -27.36
C PHE A 942 -18.48 -4.01 -27.33
N ASN A 943 -19.15 -3.38 -26.32
CA ASN A 943 -19.19 -1.92 -26.16
C ASN A 943 -17.82 -1.25 -26.09
N TRP A 944 -16.80 -1.93 -25.51
CA TRP A 944 -15.42 -1.42 -25.48
C TRP A 944 -14.89 -1.36 -26.93
N PHE A 945 -15.05 -2.46 -27.69
CA PHE A 945 -14.63 -2.61 -29.08
C PHE A 945 -15.25 -1.55 -29.97
N LEU A 946 -16.57 -1.34 -29.81
CA LEU A 946 -17.41 -0.37 -30.52
C LEU A 946 -16.83 1.03 -30.35
N HIS A 947 -16.39 1.38 -29.11
CA HIS A 947 -15.84 2.69 -28.75
C HIS A 947 -14.55 3.06 -29.48
N LEU A 948 -13.79 2.05 -29.95
CA LEU A 948 -12.55 2.23 -30.72
C LEU A 948 -12.85 2.90 -32.08
N VAL A 949 -14.01 2.55 -32.68
CA VAL A 949 -14.52 3.07 -33.95
C VAL A 949 -15.37 4.35 -33.71
N LEU A 950 -16.44 4.23 -32.88
CA LEU A 950 -17.36 5.32 -32.55
C LEU A 950 -16.99 6.00 -31.22
N1 0TA B . 2.10 -13.00 -17.22
N3 0TA B . 0.80 -8.67 -18.39
C4 0TA B . 0.96 -9.01 -19.82
C5 0TA B . 2.03 -8.20 -20.55
C6 0TA B . 1.35 -7.68 -21.79
C7 0TA B . -0.14 -7.84 -21.61
C8 0TA B . -0.34 -8.98 -20.63
C10 0TA B . 0.27 -7.03 -16.55
C13 0TA B . 0.15 -5.62 -16.09
C15 0TA B . 0.28 -4.43 -16.78
O 0TA B . 0.28 -6.48 -18.85
C9 0TA B . 0.43 -7.30 -17.96
N5 0TA B . -0.02 -3.43 -15.95
N4 0TA B . -0.33 -3.90 -14.71
C14 0TA B . -0.22 -5.21 -14.80
C11 0TA B . 0.39 -8.03 -15.64
C12 0TA B . 0.78 -9.37 -16.02
C1 0TA B . 1.04 -10.42 -15.09
C 0TA B . 0.98 -10.21 -13.60
C3 0TA B . 0.98 -9.68 -17.40
N2 0TA B . 1.39 -10.90 -17.78
C2 0TA B . 1.61 -11.83 -16.83
N 0TA B . 1.44 -11.63 -15.50
H5 0TA B . 2.25 -13.76 -16.56
H4 0TA B . 2.31 -13.18 -18.19
H6 0TA B . 1.28 -10.04 -19.92
H8 0TA B . 2.43 -7.39 -19.95
H7 0TA B . 2.91 -8.78 -20.82
H9 0TA B . 1.69 -8.22 -22.68
H10 0TA B . 1.62 -6.65 -21.98
H12 0TA B . -0.62 -6.92 -21.27
H11 0TA B . -0.63 -8.06 -22.55
H13 0TA B . -1.25 -8.86 -20.04
H14 0TA B . -0.49 -9.92 -21.15
H17 0TA B . 0.59 -4.24 -17.80
H 0TA B . -0.06 -2.44 -16.13
H16 0TA B . -0.41 -5.84 -13.93
H15 0TA B . 0.15 -7.86 -14.59
H2 0TA B . -0.05 -10.21 -13.26
H1 0TA B . 1.50 -10.99 -13.05
H3 0TA B . 1.45 -9.28 -13.31
#